data_6AYV
#
_entry.id   6AYV
#
_cell.length_a   131.240
_cell.length_b   131.240
_cell.length_c   144.149
_cell.angle_alpha   90.00
_cell.angle_beta   90.00
_cell.angle_gamma   120.00
#
_symmetry.space_group_name_H-M   'P 61 2 2'
#
loop_
_entity.id
_entity.type
_entity.pdbx_description
1 polymer 'Fructose-1,6-bisphosphatase class 2'
2 non-polymer 6-O-phosphono-beta-D-fructofuranose
3 non-polymer 'MAGNESIUM ION'
4 non-polymer GLYCEROL
5 non-polymer 'MALONATE ION'
6 water water
#
_entity_poly.entity_id   1
_entity_poly.type   'polypeptide(L)'
_entity_poly.pdbx_seq_one_letter_code
;GSSHHHHHHSSGLVPRGSHMELVRVTEAGAMAAGRWVGRGDKEGGDGAAVDAMRELVNSVSMRGVVVIGEGEKDHAPMLY
NGEEVGNGDGPECDFAVDPIDGATLMSKGMTNAISVLAVADRGTMFDPSAVFYMNKIAVGPDAAHVLDITAPISENIRAV
AKVKDLSVRDMTVCILDRPRHAQLIHDVRATGARIRLITDGDVAGAISACRPHSGTDLLAGIGGTPEGIIAAAAIRCMGG
AIQAQLAPRDDAERRKALEAGYDLNQVLTTEDLVSGENVFFCATGVTDGDLLKGVRYYPGGCTTHSIVMRSKSGTVRMIE
AYHRLSKLNEYSAIDFTGDSSAVYPLP
;
_entity_poly.pdbx_strand_id   A,B
#
loop_
_chem_comp.id
_chem_comp.type
_chem_comp.name
_chem_comp.formula
F6P D-saccharide, beta linking 6-O-phosphono-beta-D-fructofuranose 'C6 H13 O9 P'
GOL non-polymer GLYCEROL 'C3 H8 O3'
MG non-polymer 'MAGNESIUM ION' 'Mg 2'
MLI non-polymer 'MALONATE ION' 'C3 H2 O4 -2'
#
# COMPACT_ATOMS: atom_id res chain seq x y z
N HIS A 19 20.69 7.92 20.76
CA HIS A 19 21.61 7.14 19.93
C HIS A 19 21.06 6.96 18.51
N MET A 20 21.06 8.06 17.74
CA MET A 20 20.49 8.02 16.39
C MET A 20 21.21 7.05 15.46
N GLU A 21 22.45 6.65 15.78
CA GLU A 21 23.23 5.78 14.93
C GLU A 21 22.54 4.44 14.67
N LEU A 22 21.69 4.00 15.59
CA LEU A 22 21.05 2.70 15.40
C LEU A 22 20.12 2.66 14.20
N VAL A 23 19.68 3.82 13.69
CA VAL A 23 18.84 3.81 12.51
C VAL A 23 19.56 3.17 11.34
N ARG A 24 20.90 3.24 11.34
CA ARG A 24 21.66 2.60 10.27
C ARG A 24 21.48 1.10 10.27
N VAL A 25 21.10 0.51 11.41
CA VAL A 25 20.83 -0.93 11.43
C VAL A 25 19.61 -1.25 10.58
N THR A 26 18.49 -0.53 10.80
CA THR A 26 17.28 -0.77 10.01
C THR A 26 17.43 -0.28 8.56
N GLU A 27 18.17 0.82 8.34
CA GLU A 27 18.47 1.24 6.96
C GLU A 27 19.21 0.13 6.21
N ALA A 28 20.22 -0.46 6.85
CA ALA A 28 20.96 -1.56 6.24
C ALA A 28 20.05 -2.76 6.03
N GLY A 29 19.19 -3.06 6.99
CA GLY A 29 18.28 -4.20 6.80
C GLY A 29 17.30 -3.96 5.67
N ALA A 30 16.74 -2.75 5.59
CA ALA A 30 15.82 -2.39 4.50
C ALA A 30 16.52 -2.42 3.15
N MET A 31 17.71 -1.80 3.07
CA MET A 31 18.43 -1.79 1.79
C MET A 31 18.73 -3.20 1.32
N ALA A 32 19.17 -4.09 2.23
CA ALA A 32 19.39 -5.48 1.82
C ALA A 32 18.11 -6.14 1.34
N ALA A 33 17.02 -6.02 2.12
CA ALA A 33 15.74 -6.61 1.71
C ALA A 33 15.19 -5.95 0.44
N GLY A 34 15.55 -4.69 0.17
CA GLY A 34 15.06 -4.02 -1.01
C GLY A 34 15.35 -4.77 -2.30
N ARG A 35 16.47 -5.47 -2.35
CA ARG A 35 16.81 -6.21 -3.57
C ARG A 35 15.97 -7.46 -3.75
N TRP A 36 15.15 -7.81 -2.77
CA TRP A 36 14.36 -9.04 -2.86
C TRP A 36 12.89 -8.76 -3.01
N VAL A 37 12.49 -7.49 -3.10
CA VAL A 37 11.08 -7.14 -3.08
C VAL A 37 10.43 -7.72 -4.33
N GLY A 38 9.33 -8.45 -4.12
CA GLY A 38 8.62 -9.12 -5.19
C GLY A 38 9.29 -10.34 -5.79
N ARG A 39 10.44 -10.75 -5.31
CA ARG A 39 11.13 -11.87 -5.95
C ARG A 39 10.70 -13.22 -5.40
N GLY A 40 9.65 -13.24 -4.56
CA GLY A 40 9.00 -14.49 -4.19
C GLY A 40 9.85 -15.46 -3.41
N ASP A 41 10.79 -14.95 -2.61
CA ASP A 41 11.74 -15.76 -1.85
C ASP A 41 11.86 -15.12 -0.47
N LYS A 42 10.97 -15.51 0.45
CA LYS A 42 10.90 -14.91 1.79
C LYS A 42 12.19 -15.12 2.56
N GLU A 43 12.80 -16.31 2.43
CA GLU A 43 13.97 -16.60 3.23
C GLU A 43 15.21 -15.92 2.69
N GLY A 44 15.34 -15.84 1.36
CA GLY A 44 16.39 -15.02 0.76
C GLY A 44 16.34 -13.59 1.25
N GLY A 45 15.16 -12.99 1.27
CA GLY A 45 15.03 -11.60 1.71
C GLY A 45 15.30 -11.42 3.19
N ASP A 46 14.65 -12.22 4.04
CA ASP A 46 14.99 -12.25 5.47
C ASP A 46 16.48 -12.46 5.69
N GLY A 47 17.03 -13.50 5.09
CA GLY A 47 18.45 -13.79 5.25
C GLY A 47 19.32 -12.61 4.88
N ALA A 48 19.04 -11.99 3.72
CA ALA A 48 19.77 -10.77 3.34
C ALA A 48 19.63 -9.69 4.41
N ALA A 49 18.42 -9.48 4.92
CA ALA A 49 18.19 -8.44 5.93
C ALA A 49 18.89 -8.78 7.24
N VAL A 50 18.76 -10.03 7.67
CA VAL A 50 19.38 -10.52 8.91
C VAL A 50 20.88 -10.23 8.88
N ASP A 51 21.53 -10.70 7.80
CA ASP A 51 22.97 -10.53 7.65
C ASP A 51 23.39 -9.06 7.71
N ALA A 52 22.68 -8.19 6.96
CA ALA A 52 23.08 -6.79 6.91
C ALA A 52 22.93 -6.12 8.27
N MET A 53 21.87 -6.44 8.99
CA MET A 53 21.67 -5.85 10.31
C MET A 53 22.72 -6.33 11.31
N ARG A 54 23.09 -7.61 11.25
CA ARG A 54 24.06 -8.11 12.22
C ARG A 54 25.41 -7.45 12.03
N GLU A 55 25.86 -7.33 10.77
CA GLU A 55 27.11 -6.63 10.49
C GLU A 55 27.06 -5.21 11.02
N LEU A 56 25.97 -4.50 10.76
CA LEU A 56 25.96 -3.12 11.16
C LEU A 56 25.83 -2.97 12.67
N VAL A 57 25.13 -3.89 13.33
CA VAL A 57 24.91 -3.74 14.78
C VAL A 57 26.21 -4.02 15.56
N ASN A 58 27.10 -4.85 15.04
CA ASN A 58 28.33 -5.16 15.72
C ASN A 58 29.39 -4.07 15.60
N SER A 59 29.09 -2.99 14.87
CA SER A 59 29.99 -1.86 14.77
C SER A 59 29.52 -0.67 15.59
N VAL A 60 28.37 -0.75 16.23
CA VAL A 60 27.88 0.32 17.07
C VAL A 60 28.37 0.08 18.49
N SER A 61 28.44 1.16 19.27
CA SER A 61 28.95 1.09 20.63
C SER A 61 27.82 0.78 21.61
N MET A 62 27.35 -0.45 21.52
CA MET A 62 26.47 -1.03 22.51
C MET A 62 26.96 -2.43 22.83
N ARG A 63 26.67 -2.89 24.04
CA ARG A 63 26.74 -4.31 24.36
C ARG A 63 25.30 -4.78 24.55
N GLY A 64 24.89 -5.76 23.77
CA GLY A 64 23.51 -6.20 23.80
C GLY A 64 23.41 -7.70 23.73
N VAL A 65 22.32 -8.22 24.27
CA VAL A 65 21.97 -9.61 24.08
C VAL A 65 20.68 -9.68 23.28
N VAL A 66 20.64 -10.58 22.30
CA VAL A 66 19.47 -10.71 21.44
C VAL A 66 18.37 -11.40 22.24
N VAL A 67 17.39 -10.61 22.66
CA VAL A 67 16.24 -11.11 23.40
C VAL A 67 15.11 -11.53 22.46
N ILE A 68 14.90 -10.79 21.37
CA ILE A 68 13.95 -11.16 20.33
C ILE A 68 14.69 -11.14 19.01
N GLY A 69 14.70 -12.25 18.31
CA GLY A 69 15.47 -12.38 17.10
C GLY A 69 14.86 -13.42 16.21
N GLU A 70 15.72 -14.12 15.47
CA GLU A 70 15.23 -15.12 14.51
C GLU A 70 14.62 -16.32 15.23
N GLY A 71 15.21 -16.74 16.34
CA GLY A 71 14.74 -17.89 17.09
C GLY A 71 15.84 -18.43 17.99
N GLU A 72 15.82 -19.74 18.20
CA GLU A 72 16.77 -20.38 19.11
C GLU A 72 18.02 -20.83 18.36
N LYS A 73 19.09 -21.07 19.15
CA LYS A 73 20.44 -21.23 18.62
C LYS A 73 20.55 -22.22 17.46
N ASP A 74 19.62 -23.14 17.30
CA ASP A 74 19.78 -24.23 16.33
C ASP A 74 18.91 -24.08 15.08
N HIS A 75 17.69 -23.58 15.20
CA HIS A 75 16.85 -23.33 14.03
C HIS A 75 17.08 -21.94 13.44
N ALA A 76 18.05 -21.19 13.97
CA ALA A 76 18.38 -19.84 13.55
C ALA A 76 19.89 -19.63 13.60
N PRO A 77 20.56 -19.57 12.44
CA PRO A 77 22.02 -19.40 12.47
C PRO A 77 22.49 -17.99 12.77
N MET A 78 21.64 -16.96 12.66
CA MET A 78 22.06 -15.58 12.89
C MET A 78 21.01 -14.84 13.68
N LEU A 79 21.46 -13.93 14.54
CA LEU A 79 20.61 -13.22 15.50
C LEU A 79 19.74 -14.18 16.31
N TYR A 80 20.34 -15.26 16.78
CA TYR A 80 19.64 -16.23 17.61
C TYR A 80 19.47 -15.70 19.03
N ASN A 81 18.43 -16.19 19.71
CA ASN A 81 18.18 -15.82 21.09
C ASN A 81 19.41 -16.05 21.94
N GLY A 82 19.87 -15.00 22.63
CA GLY A 82 21.03 -15.09 23.47
C GLY A 82 22.32 -14.61 22.84
N GLU A 83 22.38 -14.51 21.50
CA GLU A 83 23.60 -14.04 20.85
C GLU A 83 23.99 -12.65 21.36
N GLU A 84 25.29 -12.42 21.50
CA GLU A 84 25.78 -11.10 21.87
C GLU A 84 26.02 -10.27 20.62
N VAL A 85 25.75 -8.97 20.73
CA VAL A 85 25.82 -8.06 19.60
C VAL A 85 26.44 -6.77 20.08
N GLY A 86 27.04 -6.04 19.14
CA GLY A 86 27.75 -4.82 19.46
C GLY A 86 29.25 -5.04 19.55
N ASN A 87 30.00 -3.94 19.39
CA ASN A 87 31.46 -4.03 19.33
C ASN A 87 32.05 -4.59 20.62
N GLY A 88 31.41 -4.32 21.76
CA GLY A 88 31.86 -4.87 23.03
C GLY A 88 31.68 -3.94 24.21
N ASP A 89 31.67 -2.64 23.97
CA ASP A 89 31.59 -1.64 25.03
C ASP A 89 30.20 -1.01 25.10
N GLY A 90 29.86 -0.52 26.28
CA GLY A 90 28.54 -0.01 26.56
C GLY A 90 27.86 -0.83 27.63
N PRO A 91 26.87 -0.26 28.31
CA PRO A 91 26.13 -1.03 29.32
C PRO A 91 25.32 -2.13 28.64
N GLU A 92 25.45 -3.36 29.14
CA GLU A 92 24.70 -4.46 28.55
C GLU A 92 23.21 -4.14 28.60
N CYS A 93 22.52 -4.43 27.49
CA CYS A 93 21.12 -4.05 27.36
C CYS A 93 20.38 -5.10 26.54
N ASP A 94 19.06 -5.00 26.57
CA ASP A 94 18.21 -5.91 25.83
C ASP A 94 18.09 -5.45 24.38
N PHE A 95 18.13 -6.41 23.46
CA PHE A 95 18.12 -6.14 22.03
C PHE A 95 17.00 -6.91 21.35
N ALA A 96 16.14 -6.19 20.61
CA ALA A 96 15.08 -6.80 19.83
C ALA A 96 15.18 -6.31 18.39
N VAL A 97 15.11 -7.24 17.46
CA VAL A 97 15.20 -6.94 16.04
C VAL A 97 14.20 -7.82 15.31
N ASP A 98 13.48 -7.24 14.35
CA ASP A 98 12.64 -7.99 13.42
C ASP A 98 13.09 -7.54 12.04
N PRO A 99 13.90 -8.34 11.36
CA PRO A 99 14.50 -7.85 10.10
C PRO A 99 13.48 -7.41 9.08
N ILE A 100 12.41 -8.18 8.88
CA ILE A 100 11.25 -7.73 8.11
C ILE A 100 10.00 -8.15 8.88
N ASP A 101 9.12 -7.20 9.17
CA ASP A 101 7.88 -7.59 9.83
C ASP A 101 6.90 -8.06 8.76
N GLY A 102 6.97 -9.35 8.41
CA GLY A 102 6.19 -9.85 7.31
C GLY A 102 7.01 -10.04 6.06
N ALA A 103 7.90 -11.04 6.08
CA ALA A 103 8.66 -11.38 4.89
C ALA A 103 7.75 -11.57 3.67
N THR A 104 6.49 -11.96 3.87
CA THR A 104 5.61 -12.22 2.73
C THR A 104 5.19 -10.93 2.03
N LEU A 105 5.01 -9.83 2.78
CA LEU A 105 4.78 -8.56 2.12
C LEU A 105 6.00 -8.18 1.28
N MET A 106 7.20 -8.46 1.80
CA MET A 106 8.42 -8.23 1.05
C MET A 106 8.44 -9.07 -0.22
N SER A 107 8.27 -10.38 -0.10
CA SER A 107 8.48 -11.27 -1.25
C SER A 107 7.43 -11.12 -2.35
N LYS A 108 6.28 -10.52 -2.06
CA LYS A 108 5.26 -10.24 -3.08
C LYS A 108 5.24 -8.79 -3.51
N GLY A 109 6.06 -7.92 -2.91
CA GLY A 109 6.05 -6.52 -3.27
C GLY A 109 4.80 -5.79 -2.86
N MET A 110 4.19 -6.17 -1.74
CA MET A 110 3.00 -5.53 -1.23
C MET A 110 3.37 -4.45 -0.22
N THR A 111 2.36 -3.69 0.21
CA THR A 111 2.63 -2.50 1.02
C THR A 111 2.84 -2.84 2.50
N ASN A 112 3.47 -1.90 3.21
CA ASN A 112 3.63 -1.83 4.66
C ASN A 112 4.64 -2.81 5.26
N ALA A 113 5.65 -3.23 4.50
CA ALA A 113 6.78 -3.98 5.05
C ALA A 113 7.81 -3.02 5.65
N ILE A 114 8.24 -3.30 6.88
CA ILE A 114 9.23 -2.46 7.56
C ILE A 114 10.29 -3.36 8.21
N SER A 115 11.46 -2.75 8.47
CA SER A 115 12.59 -3.34 9.18
C SER A 115 12.70 -2.67 10.56
N VAL A 116 12.77 -3.47 11.64
CA VAL A 116 12.47 -2.97 12.98
C VAL A 116 13.56 -3.34 13.98
N LEU A 117 13.86 -2.41 14.88
CA LEU A 117 14.82 -2.63 15.94
C LEU A 117 14.35 -1.94 17.22
N ALA A 118 14.53 -2.61 18.35
CA ALA A 118 14.30 -1.96 19.64
C ALA A 118 15.39 -2.33 20.63
N VAL A 119 15.72 -1.37 21.51
CA VAL A 119 16.73 -1.54 22.55
C VAL A 119 16.19 -1.03 23.88
N ALA A 120 16.44 -1.78 24.95
CA ALA A 120 16.01 -1.40 26.28
C ALA A 120 16.97 -1.98 27.30
N ASP A 121 16.86 -1.48 28.54
CA ASP A 121 17.77 -1.90 29.60
C ASP A 121 17.73 -3.42 29.78
N ARG A 122 18.86 -3.95 30.22
CA ARG A 122 19.04 -5.39 30.27
C ARG A 122 18.00 -6.04 31.17
N GLY A 123 17.51 -7.20 30.74
CA GLY A 123 16.50 -7.95 31.47
C GLY A 123 15.11 -7.34 31.52
N THR A 124 14.83 -6.30 30.73
CA THR A 124 13.58 -5.57 30.86
C THR A 124 12.52 -5.98 29.83
N MET A 125 12.82 -6.92 28.94
CA MET A 125 11.90 -7.30 27.88
C MET A 125 11.21 -8.60 28.24
N PHE A 126 9.90 -8.65 28.04
CA PHE A 126 9.13 -9.85 28.28
C PHE A 126 9.70 -11.01 27.46
N ASP A 127 9.77 -12.19 28.06
CA ASP A 127 10.29 -13.34 27.33
C ASP A 127 9.36 -13.69 26.16
N PRO A 128 9.87 -13.79 24.94
CA PRO A 128 9.02 -14.06 23.77
C PRO A 128 8.76 -15.52 23.47
N SER A 129 9.38 -16.44 24.22
CA SER A 129 9.14 -17.85 23.98
C SER A 129 8.05 -18.42 24.90
N ALA A 130 7.48 -17.59 25.78
CA ALA A 130 6.43 -18.04 26.69
C ALA A 130 5.32 -18.75 25.93
N VAL A 131 4.71 -18.05 24.97
CA VAL A 131 3.71 -18.63 24.07
C VAL A 131 3.85 -17.93 22.73
N PHE A 132 3.52 -18.66 21.66
CA PHE A 132 3.74 -18.14 20.31
C PHE A 132 2.86 -16.91 20.02
N TYR A 133 1.62 -16.92 20.51
CA TYR A 133 0.65 -15.90 20.14
C TYR A 133 0.14 -15.14 21.35
N MET A 134 -0.40 -13.96 21.06
CA MET A 134 -0.84 -13.04 22.09
C MET A 134 -2.02 -12.25 21.55
N ASN A 135 -3.09 -12.13 22.34
CA ASN A 135 -4.21 -11.27 21.97
C ASN A 135 -3.84 -9.84 22.28
N LYS A 136 -4.20 -8.90 21.39
CA LYS A 136 -3.69 -7.54 21.50
C LYS A 136 -4.79 -6.52 21.24
N ILE A 137 -4.62 -5.36 21.85
CA ILE A 137 -5.35 -4.17 21.47
C ILE A 137 -4.46 -3.00 21.83
N ALA A 138 -4.35 -2.04 20.90
CA ALA A 138 -3.44 -0.92 21.05
C ALA A 138 -4.09 0.33 20.49
N VAL A 139 -3.78 1.47 21.08
CA VAL A 139 -4.40 2.75 20.76
C VAL A 139 -3.41 3.85 21.14
N GLY A 140 -3.62 5.06 20.63
CA GLY A 140 -2.73 6.17 20.91
C GLY A 140 -3.02 6.84 22.24
N PRO A 141 -2.22 7.86 22.56
CA PRO A 141 -2.27 8.45 23.92
C PRO A 141 -3.64 8.97 24.33
N ASP A 142 -4.41 9.53 23.39
CA ASP A 142 -5.71 10.11 23.72
C ASP A 142 -6.60 9.13 24.46
N ALA A 143 -6.58 7.84 24.08
CA ALA A 143 -7.48 6.84 24.67
C ALA A 143 -6.74 5.81 25.51
N ALA A 144 -5.51 6.12 25.96
CA ALA A 144 -4.61 5.13 26.53
C ALA A 144 -5.10 4.49 27.84
N HIS A 145 -6.01 5.13 28.58
CA HIS A 145 -6.45 4.57 29.86
C HIS A 145 -7.81 3.89 29.76
N VAL A 146 -8.37 3.81 28.56
CA VAL A 146 -9.73 3.36 28.35
C VAL A 146 -9.81 1.89 27.92
N LEU A 147 -8.69 1.27 27.57
CA LEU A 147 -8.67 -0.10 27.07
C LEU A 147 -9.05 -1.12 28.13
N ASP A 148 -9.72 -2.18 27.69
CA ASP A 148 -9.96 -3.38 28.49
C ASP A 148 -9.98 -4.54 27.50
N ILE A 149 -8.87 -5.29 27.43
CA ILE A 149 -8.81 -6.39 26.50
C ILE A 149 -9.70 -7.57 26.91
N THR A 150 -10.16 -7.61 28.17
CA THR A 150 -11.14 -8.63 28.55
C THR A 150 -12.55 -8.31 28.07
N ALA A 151 -12.81 -7.07 27.69
CA ALA A 151 -14.12 -6.68 27.16
C ALA A 151 -14.23 -7.05 25.68
N PRO A 152 -15.45 -7.14 25.16
CA PRO A 152 -15.62 -7.37 23.71
C PRO A 152 -15.19 -6.13 22.94
N ILE A 153 -14.82 -6.34 21.66
CA ILE A 153 -14.25 -5.24 20.89
C ILE A 153 -15.26 -4.09 20.76
N SER A 154 -16.54 -4.41 20.57
CA SER A 154 -17.61 -3.42 20.50
C SER A 154 -17.54 -2.40 21.63
N GLU A 155 -17.32 -2.89 22.86
CA GLU A 155 -17.22 -2.03 24.03
C GLU A 155 -15.97 -1.18 23.98
N ASN A 156 -14.86 -1.75 23.50
CA ASN A 156 -13.62 -0.97 23.39
C ASN A 156 -13.75 0.13 22.34
N ILE A 157 -14.33 -0.21 21.18
CA ILE A 157 -14.52 0.78 20.13
C ILE A 157 -15.34 1.95 20.65
N ARG A 158 -16.45 1.64 21.34
CA ARG A 158 -17.32 2.68 21.88
C ARG A 158 -16.58 3.53 22.90
N ALA A 159 -15.85 2.89 23.82
CA ALA A 159 -15.12 3.65 24.83
C ALA A 159 -14.07 4.55 24.18
N VAL A 160 -13.38 4.07 23.14
CA VAL A 160 -12.34 4.88 22.51
C VAL A 160 -12.98 6.02 21.73
N ALA A 161 -14.07 5.73 21.01
CA ALA A 161 -14.77 6.79 20.28
C ALA A 161 -15.19 7.93 21.21
N LYS A 162 -15.81 7.62 22.35
CA LYS A 162 -16.30 8.70 23.20
C LYS A 162 -15.17 9.54 23.75
N VAL A 163 -14.06 8.90 24.18
CA VAL A 163 -12.96 9.65 24.78
C VAL A 163 -12.23 10.52 23.76
N LYS A 164 -12.39 10.27 22.46
CA LYS A 164 -11.86 11.16 21.43
C LYS A 164 -12.94 12.02 20.80
N ASP A 165 -14.14 12.03 21.38
CA ASP A 165 -15.27 12.81 20.85
C ASP A 165 -15.48 12.54 19.37
N LEU A 166 -15.31 11.29 18.98
CA LEU A 166 -15.50 10.84 17.60
C LEU A 166 -16.76 9.98 17.51
N SER A 167 -17.29 9.88 16.29
CA SER A 167 -18.38 8.95 16.05
C SER A 167 -17.83 7.55 15.78
N VAL A 168 -18.51 6.55 16.34
CA VAL A 168 -18.06 5.17 16.18
C VAL A 168 -17.88 4.83 14.71
N ARG A 169 -18.83 5.26 13.86
CA ARG A 169 -18.76 5.05 12.42
C ARG A 169 -17.54 5.70 11.77
N ASP A 170 -16.81 6.55 12.48
CA ASP A 170 -15.61 7.16 11.94
C ASP A 170 -14.33 6.43 12.31
N MET A 171 -14.41 5.48 13.25
CA MET A 171 -13.23 4.78 13.74
C MET A 171 -12.78 3.70 12.76
N THR A 172 -11.47 3.49 12.73
CA THR A 172 -10.88 2.49 11.86
C THR A 172 -10.05 1.54 12.72
N VAL A 173 -10.31 0.25 12.57
CA VAL A 173 -9.58 -0.78 13.31
C VAL A 173 -8.70 -1.53 12.32
N CYS A 174 -7.42 -1.63 12.63
CA CYS A 174 -6.51 -2.47 11.86
C CYS A 174 -6.57 -3.90 12.39
N ILE A 175 -6.76 -4.88 11.49
CA ILE A 175 -6.93 -6.27 11.88
C ILE A 175 -6.26 -7.18 10.86
N LEU A 176 -5.50 -8.16 11.34
CA LEU A 176 -4.95 -9.19 10.46
C LEU A 176 -6.04 -10.02 9.82
N ASP A 177 -5.96 -10.20 8.52
CA ASP A 177 -6.96 -10.99 7.79
C ASP A 177 -6.67 -12.47 8.04
N ARG A 178 -7.40 -13.09 8.98
CA ARG A 178 -7.23 -14.49 9.37
C ARG A 178 -8.57 -15.16 9.66
N PRO A 179 -8.71 -16.45 9.33
CA PRO A 179 -9.89 -17.20 9.80
C PRO A 179 -10.17 -17.04 11.28
N ARG A 180 -9.13 -17.08 12.12
CA ARG A 180 -9.33 -16.92 13.56
C ARG A 180 -9.95 -15.57 13.92
N HIS A 181 -10.03 -14.62 12.99
CA HIS A 181 -10.61 -13.30 13.31
C HIS A 181 -11.98 -13.09 12.69
N ALA A 182 -12.68 -14.17 12.29
CA ALA A 182 -14.01 -13.99 11.71
C ALA A 182 -14.97 -13.30 12.67
N GLN A 183 -14.91 -13.63 13.97
CA GLN A 183 -15.83 -13.04 14.92
C GLN A 183 -15.43 -11.61 15.25
N LEU A 184 -14.14 -11.38 15.49
CA LEU A 184 -13.67 -10.03 15.76
C LEU A 184 -14.06 -9.08 14.63
N ILE A 185 -13.84 -9.50 13.39
CA ILE A 185 -14.13 -8.65 12.24
C ILE A 185 -15.63 -8.39 12.15
N HIS A 186 -16.45 -9.45 12.26
CA HIS A 186 -17.89 -9.26 12.30
C HIS A 186 -18.31 -8.26 13.39
N ASP A 187 -17.72 -8.37 14.58
CA ASP A 187 -18.13 -7.52 15.70
C ASP A 187 -17.73 -6.07 15.49
N VAL A 188 -16.56 -5.81 14.89
CA VAL A 188 -16.21 -4.44 14.56
C VAL A 188 -17.21 -3.89 13.56
N ARG A 189 -17.52 -4.68 12.52
CA ARG A 189 -18.43 -4.19 11.48
C ARG A 189 -19.81 -3.90 12.04
N ALA A 190 -20.38 -4.84 12.81
CA ALA A 190 -21.69 -4.62 13.44
C ALA A 190 -21.68 -3.39 14.34
N THR A 191 -20.52 -3.03 14.88
CA THR A 191 -20.40 -1.80 15.64
C THR A 191 -20.63 -0.58 14.75
N GLY A 192 -20.36 -0.69 13.45
CA GLY A 192 -20.40 0.43 12.55
C GLY A 192 -19.04 1.04 12.25
N ALA A 193 -18.00 0.58 12.92
CA ALA A 193 -16.64 1.06 12.69
C ALA A 193 -16.12 0.50 11.37
N ARG A 194 -15.02 1.08 10.91
CA ARG A 194 -14.32 0.61 9.71
C ARG A 194 -13.18 -0.35 10.07
N ILE A 195 -12.75 -1.14 9.09
CA ILE A 195 -11.64 -2.07 9.24
C ILE A 195 -10.65 -1.85 8.11
N ARG A 196 -9.37 -1.70 8.45
CA ARG A 196 -8.28 -1.81 7.49
C ARG A 196 -7.71 -3.21 7.64
N LEU A 197 -7.96 -4.05 6.65
CA LEU A 197 -7.54 -5.45 6.68
C LEU A 197 -6.09 -5.52 6.19
N ILE A 198 -5.20 -6.00 7.04
CA ILE A 198 -3.82 -6.25 6.64
C ILE A 198 -3.61 -7.76 6.55
N THR A 199 -2.78 -8.17 5.60
CA THR A 199 -2.45 -9.59 5.47
C THR A 199 -1.27 -10.02 6.33
N ASP A 200 -0.47 -9.08 6.82
CA ASP A 200 0.69 -9.35 7.65
C ASP A 200 1.14 -8.02 8.19
N GLY A 201 1.84 -8.04 9.33
CA GLY A 201 2.53 -6.84 9.78
C GLY A 201 1.94 -6.06 10.95
N ASP A 202 1.69 -6.71 12.10
CA ASP A 202 1.02 -5.98 13.15
C ASP A 202 1.98 -5.23 14.07
N VAL A 203 3.28 -5.18 13.77
CA VAL A 203 4.06 -4.11 14.39
C VAL A 203 3.73 -2.78 13.72
N ALA A 204 3.72 -2.77 12.38
CA ALA A 204 3.36 -1.55 11.65
C ALA A 204 1.94 -1.13 11.97
N GLY A 205 1.03 -2.10 12.07
CA GLY A 205 -0.35 -1.77 12.41
C GLY A 205 -0.48 -1.18 13.81
N ALA A 206 0.23 -1.76 14.78
CA ALA A 206 0.23 -1.18 16.12
C ALA A 206 0.74 0.25 16.12
N ILE A 207 1.84 0.51 15.41
CA ILE A 207 2.37 1.87 15.40
C ILE A 207 1.40 2.80 14.70
N SER A 208 0.81 2.35 13.59
CA SER A 208 -0.18 3.16 12.88
C SER A 208 -1.34 3.53 13.79
N ALA A 209 -1.84 2.57 14.59
CA ALA A 209 -2.92 2.90 15.52
C ALA A 209 -2.50 3.96 16.52
N CYS A 210 -1.26 3.91 16.99
CA CYS A 210 -0.87 4.77 18.09
C CYS A 210 -0.53 6.19 17.65
N ARG A 211 0.01 6.37 16.45
CA ARG A 211 0.34 7.72 16.02
C ARG A 211 -0.94 8.50 15.72
N PRO A 212 -0.98 9.80 16.06
CA PRO A 212 -2.26 10.50 16.16
C PRO A 212 -3.05 10.63 14.86
N HIS A 213 -2.47 11.22 13.83
CA HIS A 213 -3.23 11.52 12.63
C HIS A 213 -2.79 10.62 11.48
N SER A 214 -3.06 9.34 11.71
CA SER A 214 -2.63 8.24 10.86
C SER A 214 -3.75 7.66 10.02
N GLY A 215 -5.02 7.91 10.39
CA GLY A 215 -6.15 7.26 9.78
C GLY A 215 -6.56 5.94 10.41
N THR A 216 -5.76 5.41 11.33
CA THR A 216 -6.04 4.16 12.04
C THR A 216 -6.19 4.49 13.52
N ASP A 217 -7.32 4.12 14.11
CA ASP A 217 -7.56 4.47 15.50
C ASP A 217 -7.19 3.36 16.48
N LEU A 218 -7.10 2.13 15.99
CA LEU A 218 -7.13 0.96 16.86
C LEU A 218 -6.52 -0.23 16.13
N LEU A 219 -5.69 -0.99 16.83
CA LEU A 219 -5.30 -2.33 16.41
C LEU A 219 -5.90 -3.35 17.38
N ALA A 220 -6.46 -4.43 16.82
CA ALA A 220 -7.01 -5.50 17.65
C ALA A 220 -6.73 -6.84 17.01
N GLY A 221 -6.51 -7.85 17.85
CA GLY A 221 -6.48 -9.22 17.41
C GLY A 221 -5.25 -9.96 17.89
N ILE A 222 -5.25 -11.26 17.60
CA ILE A 222 -4.14 -12.16 17.96
C ILE A 222 -3.05 -12.12 16.89
N GLY A 223 -1.84 -11.75 17.31
CA GLY A 223 -0.67 -11.87 16.46
C GLY A 223 0.48 -12.48 17.24
N GLY A 224 1.71 -12.34 16.72
CA GLY A 224 2.86 -12.97 17.35
C GLY A 224 3.23 -12.28 18.64
N THR A 225 3.65 -13.08 19.62
CA THR A 225 4.17 -12.53 20.86
C THR A 225 5.39 -11.65 20.65
N PRO A 226 6.44 -12.07 19.93
CA PRO A 226 7.58 -11.14 19.70
C PRO A 226 7.16 -9.84 19.06
N GLU A 227 6.24 -9.90 18.10
CA GLU A 227 5.72 -8.68 17.50
C GLU A 227 5.01 -7.80 18.52
N GLY A 228 4.31 -8.39 19.48
CA GLY A 228 3.65 -7.58 20.48
C GLY A 228 4.63 -6.84 21.36
N ILE A 229 5.72 -7.50 21.73
CA ILE A 229 6.73 -6.88 22.59
C ILE A 229 7.45 -5.76 21.85
N ILE A 230 7.74 -5.97 20.56
CA ILE A 230 8.42 -4.92 19.80
C ILE A 230 7.51 -3.72 19.66
N ALA A 231 6.22 -3.96 19.41
CA ALA A 231 5.29 -2.84 19.33
C ALA A 231 5.19 -2.10 20.66
N ALA A 232 5.32 -2.84 21.78
CA ALA A 232 5.31 -2.20 23.09
C ALA A 232 6.48 -1.24 23.24
N ALA A 233 7.68 -1.66 22.82
CA ALA A 233 8.84 -0.76 22.89
C ALA A 233 8.57 0.54 22.15
N ALA A 234 8.00 0.47 20.95
CA ALA A 234 7.67 1.70 20.24
C ALA A 234 6.62 2.51 21.00
N ILE A 235 5.58 1.84 21.51
CA ILE A 235 4.53 2.55 22.24
C ILE A 235 5.08 3.20 23.49
N ARG A 236 6.07 2.56 24.15
CA ARG A 236 6.74 3.20 25.28
C ARG A 236 7.31 4.56 24.90
N CYS A 237 7.86 4.69 23.68
CA CYS A 237 8.54 5.95 23.31
C CYS A 237 7.56 7.00 22.82
N MET A 238 6.57 6.59 22.02
CA MET A 238 5.72 7.54 21.35
C MET A 238 4.44 7.83 22.11
N GLY A 239 4.08 7.01 23.07
CA GLY A 239 2.87 7.25 23.82
C GLY A 239 1.70 6.43 23.30
N GLY A 240 0.74 6.19 24.17
CA GLY A 240 -0.34 5.27 23.90
C GLY A 240 -0.22 4.05 24.79
N ALA A 241 -1.01 3.03 24.47
CA ALA A 241 -0.99 1.84 25.31
C ALA A 241 -1.31 0.62 24.47
N ILE A 242 -0.76 -0.51 24.88
CA ILE A 242 -1.15 -1.81 24.36
C ILE A 242 -1.47 -2.68 25.57
N GLN A 243 -2.56 -3.43 25.47
CA GLN A 243 -2.88 -4.47 26.44
C GLN A 243 -2.83 -5.79 25.72
N ALA A 244 -2.41 -6.84 26.44
CA ALA A 244 -2.27 -8.13 25.79
C ALA A 244 -2.54 -9.25 26.79
N GLN A 245 -2.85 -10.43 26.26
CA GLN A 245 -2.93 -11.67 27.00
C GLN A 245 -2.35 -12.79 26.15
N LEU A 246 -1.66 -13.72 26.79
CA LEU A 246 -1.09 -14.87 26.07
C LEU A 246 -2.21 -15.73 25.52
N ALA A 247 -2.01 -16.30 24.34
CA ALA A 247 -3.07 -16.97 23.61
C ALA A 247 -2.60 -18.34 23.11
N PRO A 248 -2.47 -19.32 24.04
CA PRO A 248 -2.05 -20.68 23.63
C PRO A 248 -2.95 -21.26 22.53
N ARG A 249 -2.31 -22.01 21.62
CA ARG A 249 -2.97 -22.56 20.43
C ARG A 249 -3.64 -23.90 20.68
N ASP A 250 -3.29 -24.58 21.78
CA ASP A 250 -3.93 -25.84 22.16
C ASP A 250 -3.57 -26.14 23.61
N ASP A 251 -4.08 -27.27 24.10
CA ASP A 251 -3.90 -27.57 25.52
C ASP A 251 -2.46 -27.89 25.86
N ALA A 252 -1.74 -28.54 24.94
CA ALA A 252 -0.31 -28.80 25.15
C ALA A 252 0.45 -27.51 25.41
N GLU A 253 0.19 -26.47 24.60
CA GLU A 253 0.85 -25.19 24.82
C GLU A 253 0.33 -24.51 26.08
N ARG A 254 -0.96 -24.66 26.39
CA ARG A 254 -1.51 -24.08 27.61
C ARG A 254 -0.79 -24.61 28.84
N ARG A 255 -0.57 -25.93 28.91
CA ARG A 255 0.19 -26.46 30.04
C ARG A 255 1.67 -26.08 29.91
N LYS A 256 2.23 -26.17 28.70
CA LYS A 256 3.62 -25.71 28.49
C LYS A 256 3.82 -24.32 29.08
N ALA A 257 2.87 -23.41 28.82
CA ALA A 257 2.90 -22.10 29.46
C ALA A 257 2.69 -22.20 30.97
N LEU A 258 1.62 -22.89 31.38
CA LEU A 258 1.27 -22.91 32.80
C LEU A 258 2.37 -23.58 33.63
N GLU A 259 2.97 -24.66 33.10
CA GLU A 259 4.10 -25.28 33.77
C GLU A 259 5.21 -24.28 34.06
N ALA A 260 5.32 -23.22 33.25
CA ALA A 260 6.36 -22.20 33.38
C ALA A 260 6.02 -21.09 34.36
N GLY A 261 4.86 -21.13 35.00
CA GLY A 261 4.51 -20.12 35.98
C GLY A 261 3.76 -18.94 35.43
N TYR A 262 3.23 -19.03 34.22
CA TYR A 262 2.49 -17.93 33.62
C TYR A 262 1.05 -17.92 34.12
N ASP A 263 0.58 -16.73 34.51
CA ASP A 263 -0.82 -16.53 34.90
C ASP A 263 -1.62 -16.16 33.65
N LEU A 264 -2.17 -17.17 32.99
CA LEU A 264 -2.74 -16.97 31.65
C LEU A 264 -3.94 -16.05 31.66
N ASN A 265 -4.30 -15.55 32.84
CA ASN A 265 -5.37 -14.58 32.98
C ASN A 265 -4.84 -13.17 33.21
N GLN A 266 -3.54 -12.99 33.40
CA GLN A 266 -2.99 -11.67 33.58
C GLN A 266 -3.18 -10.83 32.31
N VAL A 267 -3.53 -9.56 32.51
CA VAL A 267 -3.55 -8.57 31.44
C VAL A 267 -2.18 -7.91 31.42
N LEU A 268 -1.40 -8.15 30.36
CA LEU A 268 -0.10 -7.50 30.19
C LEU A 268 -0.30 -6.11 29.61
N THR A 269 0.32 -5.12 30.23
CA THR A 269 0.31 -3.74 29.76
C THR A 269 1.64 -3.41 29.04
N THR A 270 1.74 -2.18 28.54
CA THR A 270 2.94 -1.76 27.81
C THR A 270 4.18 -2.03 28.64
N GLU A 271 4.17 -1.61 29.90
CA GLU A 271 5.33 -1.73 30.76
C GLU A 271 5.57 -3.16 31.25
N ASP A 272 4.56 -4.03 31.23
CA ASP A 272 4.82 -5.45 31.44
C ASP A 272 5.68 -6.03 30.34
N LEU A 273 5.44 -5.60 29.09
CA LEU A 273 6.17 -6.18 27.96
C LEU A 273 7.56 -5.60 27.84
N VAL A 274 7.70 -4.30 28.09
CA VAL A 274 9.00 -3.63 28.08
C VAL A 274 9.04 -2.65 29.24
N SER A 275 9.87 -2.94 30.26
CA SER A 275 9.76 -2.24 31.54
C SER A 275 10.76 -1.13 31.78
N GLY A 276 11.89 -1.09 31.07
CA GLY A 276 12.94 -0.13 31.38
C GLY A 276 12.49 1.31 31.17
N GLU A 277 13.34 2.23 31.65
CA GLU A 277 13.14 3.65 31.37
C GLU A 277 14.00 4.16 30.21
N ASN A 278 14.98 3.38 29.74
CA ASN A 278 15.75 3.73 28.54
C ASN A 278 15.36 2.77 27.43
N VAL A 279 14.38 3.17 26.63
CA VAL A 279 13.88 2.37 25.51
C VAL A 279 14.15 3.12 24.21
N PHE A 280 14.66 2.41 23.23
CA PHE A 280 14.94 2.92 21.90
CA PHE A 280 14.92 2.94 21.90
C PHE A 280 14.19 2.06 20.88
N PHE A 281 13.60 2.71 19.88
CA PHE A 281 12.93 2.05 18.77
C PHE A 281 13.28 2.74 17.46
N CYS A 282 13.59 1.96 16.42
CA CYS A 282 13.60 2.58 15.11
C CYS A 282 13.16 1.58 14.05
N ALA A 283 12.70 2.12 12.94
CA ALA A 283 12.19 1.31 11.85
C ALA A 283 12.48 2.00 10.52
N THR A 284 12.56 1.21 9.46
CA THR A 284 12.80 1.70 8.11
C THR A 284 11.86 1.02 7.14
N GLY A 285 11.32 1.80 6.20
CA GLY A 285 10.44 1.23 5.19
C GLY A 285 11.20 0.34 4.22
N VAL A 286 10.63 -0.84 3.96
CA VAL A 286 11.09 -1.78 2.94
C VAL A 286 10.24 -1.60 1.68
N THR A 287 8.94 -1.77 1.80
CA THR A 287 8.02 -1.34 0.75
C THR A 287 7.26 -0.13 1.26
N ASP A 288 6.50 0.51 0.36
CA ASP A 288 5.76 1.72 0.71
C ASP A 288 4.66 1.36 1.72
N GLY A 289 4.50 2.20 2.76
CA GLY A 289 3.50 1.95 3.78
C GLY A 289 2.78 3.23 4.17
N ASP A 290 1.87 3.09 5.13
CA ASP A 290 1.12 4.28 5.54
C ASP A 290 1.94 5.22 6.42
N LEU A 291 3.13 4.80 6.88
CA LEU A 291 4.03 5.64 7.65
C LEU A 291 5.34 5.91 6.92
N LEU A 292 6.01 4.87 6.44
CA LEU A 292 7.30 5.01 5.80
C LEU A 292 7.19 4.65 4.32
N LYS A 293 7.81 5.45 3.46
CA LYS A 293 8.05 5.03 2.10
C LYS A 293 9.05 3.89 2.09
N GLY A 294 8.94 3.01 1.08
CA GLY A 294 9.89 1.95 0.90
C GLY A 294 11.19 2.46 0.29
N VAL A 295 12.19 1.57 0.22
CA VAL A 295 13.42 1.88 -0.48
C VAL A 295 13.09 2.24 -1.93
N ARG A 296 13.59 3.38 -2.38
CA ARG A 296 13.42 3.84 -3.75
C ARG A 296 14.80 3.88 -4.39
N TYR A 297 14.92 3.40 -5.63
CA TYR A 297 16.19 3.36 -6.32
C TYR A 297 16.29 4.46 -7.37
N TYR A 298 17.51 4.98 -7.55
CA TYR A 298 17.86 6.08 -8.44
C TYR A 298 19.15 5.76 -9.17
N PRO A 299 19.50 6.49 -10.24
CA PRO A 299 20.78 6.24 -10.91
C PRO A 299 21.99 6.25 -9.98
N GLY A 300 22.11 7.26 -9.13
CA GLY A 300 23.26 7.29 -8.25
C GLY A 300 23.14 6.48 -6.96
N GLY A 301 21.96 5.95 -6.63
CA GLY A 301 21.77 5.32 -5.32
C GLY A 301 20.32 5.13 -4.94
N CYS A 302 20.05 5.23 -3.63
CA CYS A 302 18.72 4.92 -3.14
C CYS A 302 18.36 5.82 -1.95
N THR A 303 17.07 5.89 -1.70
CA THR A 303 16.53 6.59 -0.54
C THR A 303 15.90 5.58 0.39
N THR A 304 16.08 5.81 1.69
CA THR A 304 15.36 5.09 2.74
C THR A 304 14.60 6.09 3.61
N HIS A 305 13.53 5.60 4.26
CA HIS A 305 12.66 6.43 5.09
C HIS A 305 12.47 5.73 6.43
N SER A 306 12.91 6.40 7.50
CA SER A 306 13.00 5.79 8.82
C SER A 306 12.28 6.62 9.87
N ILE A 307 11.94 5.97 10.99
CA ILE A 307 11.48 6.68 12.17
C ILE A 307 12.34 6.22 13.35
N VAL A 308 12.73 7.16 14.20
CA VAL A 308 13.54 6.88 15.38
C VAL A 308 12.90 7.54 16.60
N MET A 309 12.82 6.80 17.70
CA MET A 309 12.11 7.23 18.90
C MET A 309 12.86 6.82 20.15
N ARG A 310 12.71 7.64 21.19
CA ARG A 310 13.45 7.48 22.44
C ARG A 310 12.49 7.77 23.59
N SER A 311 12.32 6.80 24.50
CA SER A 311 11.40 6.99 25.63
C SER A 311 11.91 8.05 26.60
N LYS A 312 13.21 8.08 26.86
CA LYS A 312 13.75 9.00 27.86
C LYS A 312 13.33 10.44 27.57
N SER A 313 13.49 10.88 26.33
CA SER A 313 13.15 12.25 25.96
C SER A 313 11.80 12.40 25.28
N GLY A 314 11.22 11.32 24.75
CA GLY A 314 10.01 11.42 23.98
C GLY A 314 10.15 12.08 22.62
N THR A 315 11.38 12.28 22.15
CA THR A 315 11.61 12.89 20.84
C THR A 315 11.39 11.86 19.75
N VAL A 316 10.62 12.23 18.73
CA VAL A 316 10.40 11.36 17.56
C VAL A 316 11.07 11.99 16.34
N ARG A 317 11.82 11.17 15.59
CA ARG A 317 12.55 11.68 14.43
C ARG A 317 12.15 10.90 13.18
N MET A 318 11.73 11.64 12.13
CA MET A 318 11.52 11.10 10.79
C MET A 318 12.78 11.40 9.98
N ILE A 319 13.42 10.35 9.46
CA ILE A 319 14.74 10.50 8.84
C ILE A 319 14.68 9.99 7.40
N GLU A 320 14.95 10.87 6.47
CA GLU A 320 15.03 10.50 5.07
C GLU A 320 16.48 10.60 4.60
N ALA A 321 16.99 9.52 4.03
CA ALA A 321 18.41 9.41 3.73
C ALA A 321 18.61 9.04 2.25
N TYR A 322 19.51 9.75 1.59
CA TYR A 322 20.00 9.35 0.27
C TYR A 322 21.36 8.68 0.43
N HIS A 323 21.46 7.45 -0.05
CA HIS A 323 22.69 6.68 0.01
C HIS A 323 23.32 6.64 -1.39
N ARG A 324 24.54 7.18 -1.48
CA ARG A 324 25.27 7.14 -2.74
CA ARG A 324 25.32 7.15 -2.71
C ARG A 324 25.86 5.75 -2.94
N LEU A 325 25.45 5.09 -4.02
CA LEU A 325 25.99 3.76 -4.36
C LEU A 325 26.65 3.79 -5.73
N SER A 326 27.82 4.43 -5.88
CA SER A 326 28.46 5.37 -4.95
C SER A 326 28.91 6.60 -5.79
N LYS A 327 30.15 7.07 -5.58
CA LYS A 327 30.82 8.09 -6.40
C LYS A 327 30.41 9.51 -6.07
N LEU A 328 31.38 10.44 -5.96
CA LEU A 328 31.10 11.81 -5.56
C LEU A 328 30.84 12.66 -6.80
N ASN A 329 29.68 13.32 -6.81
CA ASN A 329 29.00 13.92 -7.96
C ASN A 329 29.47 13.40 -9.32
N GLU A 330 29.06 12.17 -9.64
CA GLU A 330 29.03 11.68 -11.02
C GLU A 330 27.61 11.45 -11.50
N TYR A 331 26.63 11.58 -10.61
CA TYR A 331 25.22 11.44 -10.94
C TYR A 331 24.48 12.69 -10.50
N SER A 332 23.36 12.96 -11.19
CA SER A 332 22.51 14.12 -10.93
C SER A 332 22.04 14.16 -9.48
N ALA A 333 21.62 15.33 -9.02
CA ALA A 333 21.10 15.46 -7.66
C ALA A 333 19.66 14.97 -7.60
N ILE A 334 19.29 14.35 -6.47
CA ILE A 334 17.97 13.76 -6.26
C ILE A 334 17.24 14.56 -5.17
N ASP A 335 15.93 14.74 -5.37
CA ASP A 335 15.06 15.47 -4.45
C ASP A 335 14.21 14.48 -3.64
N PHE A 336 13.74 14.94 -2.47
CA PHE A 336 13.21 14.08 -1.42
C PHE A 336 11.79 14.45 -0.97
N THR A 337 11.10 13.42 -0.46
CA THR A 337 9.88 13.42 0.38
C THR A 337 8.57 13.81 -0.33
N HIS B 19 -13.15 23.19 -18.67
CA HIS B 19 -13.03 21.74 -18.73
C HIS B 19 -12.46 21.15 -17.44
N MET B 20 -11.68 21.94 -16.70
CA MET B 20 -11.23 21.48 -15.39
C MET B 20 -12.41 21.07 -14.53
N GLU B 21 -13.58 21.69 -14.75
CA GLU B 21 -14.76 21.42 -13.95
C GLU B 21 -15.13 19.93 -13.94
N LEU B 22 -14.60 19.13 -14.87
CA LEU B 22 -14.86 17.69 -14.84
C LEU B 22 -14.24 16.99 -13.63
N VAL B 23 -13.28 17.61 -12.95
CA VAL B 23 -12.71 17.01 -11.74
C VAL B 23 -13.79 16.81 -10.67
N ARG B 24 -14.83 17.64 -10.67
CA ARG B 24 -15.84 17.50 -9.63
C ARG B 24 -16.60 16.19 -9.76
N VAL B 25 -16.53 15.55 -10.94
CA VAL B 25 -17.16 14.25 -11.11
C VAL B 25 -16.40 13.17 -10.35
N THR B 26 -15.07 13.12 -10.49
CA THR B 26 -14.34 12.12 -9.71
C THR B 26 -14.25 12.53 -8.24
N GLU B 27 -14.23 13.85 -7.95
CA GLU B 27 -14.32 14.29 -6.56
C GLU B 27 -15.60 13.76 -5.93
N ALA B 28 -16.72 13.83 -6.64
CA ALA B 28 -17.99 13.37 -6.08
C ALA B 28 -18.00 11.85 -5.96
N GLY B 29 -17.50 11.14 -6.97
CA GLY B 29 -17.37 9.70 -6.86
C GLY B 29 -16.52 9.27 -5.68
N ALA B 30 -15.35 9.93 -5.50
CA ALA B 30 -14.45 9.50 -4.43
C ALA B 30 -15.02 9.84 -3.05
N MET B 31 -15.68 10.99 -2.92
CA MET B 31 -16.30 11.34 -1.65
C MET B 31 -17.41 10.38 -1.28
N ALA B 32 -18.15 9.88 -2.27
CA ALA B 32 -19.21 8.93 -1.99
C ALA B 32 -18.61 7.59 -1.59
N ALA B 33 -17.66 7.08 -2.38
CA ALA B 33 -16.98 5.84 -2.04
C ALA B 33 -16.20 5.98 -0.74
N GLY B 34 -15.69 7.18 -0.45
CA GLY B 34 -14.94 7.39 0.78
C GLY B 34 -15.74 7.10 2.05
N ARG B 35 -17.06 7.21 1.99
CA ARG B 35 -17.84 6.89 3.19
C ARG B 35 -17.94 5.39 3.40
N TRP B 36 -17.72 4.60 2.36
CA TRP B 36 -17.79 3.14 2.41
C TRP B 36 -16.43 2.48 2.57
N VAL B 37 -15.34 3.25 2.62
CA VAL B 37 -14.02 2.66 2.75
C VAL B 37 -13.98 1.84 4.03
N GLY B 38 -13.50 0.60 3.92
CA GLY B 38 -13.28 -0.22 5.08
C GLY B 38 -14.51 -0.82 5.71
N ARG B 39 -15.67 -0.74 5.04
CA ARG B 39 -16.91 -1.31 5.56
C ARG B 39 -17.22 -2.68 4.94
N GLY B 40 -16.34 -3.21 4.11
CA GLY B 40 -16.48 -4.57 3.59
C GLY B 40 -17.67 -4.82 2.70
N ASP B 41 -18.23 -3.79 2.08
CA ASP B 41 -19.36 -3.93 1.14
C ASP B 41 -18.97 -3.33 -0.22
N LYS B 42 -18.48 -4.19 -1.11
CA LYS B 42 -18.13 -3.79 -2.47
C LYS B 42 -19.26 -3.03 -3.15
N GLU B 43 -20.47 -3.61 -3.16
CA GLU B 43 -21.56 -3.04 -3.95
C GLU B 43 -22.03 -1.73 -3.35
N GLY B 44 -22.06 -1.63 -2.02
CA GLY B 44 -22.44 -0.40 -1.39
C GLY B 44 -21.59 0.75 -1.85
N GLY B 45 -20.26 0.59 -1.73
CA GLY B 45 -19.37 1.67 -2.10
C GLY B 45 -19.38 1.94 -3.59
N ASP B 46 -19.32 0.88 -4.40
CA ASP B 46 -19.36 1.04 -5.86
C ASP B 46 -20.61 1.79 -6.31
N GLY B 47 -21.79 1.30 -5.90
CA GLY B 47 -23.02 1.91 -6.34
C GLY B 47 -23.18 3.34 -5.86
N ALA B 48 -22.70 3.62 -4.64
CA ALA B 48 -22.73 5.00 -4.17
C ALA B 48 -21.85 5.90 -5.02
N ALA B 49 -20.73 5.37 -5.53
CA ALA B 49 -19.84 6.19 -6.35
C ALA B 49 -20.45 6.41 -7.74
N VAL B 50 -20.94 5.33 -8.35
CA VAL B 50 -21.70 5.42 -9.60
C VAL B 50 -22.78 6.48 -9.48
N ASP B 51 -23.51 6.45 -8.36
CA ASP B 51 -24.65 7.33 -8.23
C ASP B 51 -24.22 8.80 -8.09
N ALA B 52 -23.19 9.06 -7.29
CA ALA B 52 -22.76 10.44 -7.13
C ALA B 52 -22.20 10.99 -8.44
N MET B 53 -21.51 10.14 -9.20
CA MET B 53 -20.91 10.60 -10.45
C MET B 53 -21.94 10.83 -11.53
N ARG B 54 -22.93 9.95 -11.65
CA ARG B 54 -23.99 10.18 -12.63
C ARG B 54 -24.77 11.45 -12.29
N GLU B 55 -25.05 11.70 -11.02
CA GLU B 55 -25.70 12.96 -10.67
C GLU B 55 -24.84 14.15 -11.10
N LEU B 56 -23.54 14.12 -10.82
CA LEU B 56 -22.76 15.31 -11.07
C LEU B 56 -22.43 15.49 -12.54
N VAL B 57 -22.30 14.40 -13.31
CA VAL B 57 -21.97 14.57 -14.72
C VAL B 57 -23.12 15.21 -15.47
N ASN B 58 -24.35 14.94 -15.05
CA ASN B 58 -25.48 15.53 -15.77
C ASN B 58 -25.68 16.99 -15.40
N SER B 59 -24.83 17.56 -14.55
CA SER B 59 -24.82 18.99 -14.29
C SER B 59 -23.72 19.71 -15.04
N VAL B 60 -23.03 19.04 -15.95
CA VAL B 60 -21.85 19.54 -16.62
C VAL B 60 -22.20 19.85 -18.07
N SER B 61 -21.66 20.96 -18.58
CA SER B 61 -21.95 21.44 -19.94
C SER B 61 -21.22 20.56 -20.95
N MET B 62 -21.82 19.41 -21.26
CA MET B 62 -21.25 18.49 -22.23
C MET B 62 -22.33 17.61 -22.85
N ARG B 63 -22.09 17.17 -24.08
CA ARG B 63 -22.87 16.12 -24.74
C ARG B 63 -22.00 14.89 -24.79
N GLY B 64 -22.32 13.89 -24.00
CA GLY B 64 -21.50 12.70 -23.91
C GLY B 64 -22.33 11.44 -23.99
N VAL B 65 -21.66 10.37 -24.43
CA VAL B 65 -22.24 9.05 -24.53
C VAL B 65 -21.28 8.08 -23.86
N VAL B 66 -21.79 7.35 -22.87
CA VAL B 66 -21.00 6.39 -22.11
C VAL B 66 -20.56 5.26 -23.04
N VAL B 67 -19.25 5.16 -23.31
CA VAL B 67 -18.69 4.06 -24.08
C VAL B 67 -18.04 3.05 -23.13
N ILE B 68 -17.59 3.51 -21.97
CA ILE B 68 -16.99 2.66 -20.95
C ILE B 68 -17.61 3.00 -19.61
N GLY B 69 -18.26 2.04 -18.98
CA GLY B 69 -18.92 2.31 -17.72
C GLY B 69 -19.20 1.05 -16.93
N GLU B 70 -20.43 0.93 -16.44
CA GLU B 70 -20.80 -0.20 -15.61
C GLU B 70 -21.30 -1.41 -16.41
N GLY B 71 -21.54 -1.25 -17.72
CA GLY B 71 -21.86 -2.37 -18.57
C GLY B 71 -23.10 -2.10 -19.40
N GLU B 72 -23.70 -3.16 -19.91
CA GLU B 72 -24.90 -3.05 -20.72
C GLU B 72 -26.13 -2.78 -19.85
N LYS B 73 -27.09 -2.04 -20.42
CA LYS B 73 -28.22 -1.50 -19.67
C LYS B 73 -29.09 -2.57 -19.02
N ASP B 74 -29.09 -3.80 -19.52
CA ASP B 74 -29.92 -4.83 -18.90
C ASP B 74 -29.43 -5.19 -17.51
N HIS B 75 -28.15 -4.97 -17.21
CA HIS B 75 -27.61 -5.27 -15.90
C HIS B 75 -26.93 -4.07 -15.24
N ALA B 76 -26.98 -2.90 -15.87
CA ALA B 76 -26.44 -1.68 -15.29
C ALA B 76 -27.45 -0.55 -15.50
N PRO B 77 -28.16 -0.15 -14.45
CA PRO B 77 -29.12 0.95 -14.62
C PRO B 77 -28.46 2.30 -14.90
N MET B 78 -27.31 2.58 -14.29
CA MET B 78 -26.66 3.89 -14.37
C MET B 78 -25.29 3.75 -15.02
N LEU B 79 -25.00 4.67 -15.93
CA LEU B 79 -23.76 4.65 -16.72
C LEU B 79 -23.60 3.34 -17.48
N TYR B 80 -24.69 2.90 -18.10
CA TYR B 80 -24.65 1.79 -19.03
C TYR B 80 -24.08 2.26 -20.37
N ASN B 81 -23.64 1.29 -21.17
CA ASN B 81 -23.13 1.61 -22.48
C ASN B 81 -24.21 2.26 -23.32
N GLY B 82 -23.91 3.44 -23.87
CA GLY B 82 -24.82 4.17 -24.70
C GLY B 82 -25.60 5.23 -23.98
N GLU B 83 -25.55 5.26 -22.65
CA GLU B 83 -26.29 6.28 -21.92
C GLU B 83 -25.74 7.66 -22.23
N GLU B 84 -26.65 8.58 -22.50
CA GLU B 84 -26.29 9.97 -22.78
C GLU B 84 -26.14 10.71 -21.46
N VAL B 85 -25.09 11.52 -21.37
CA VAL B 85 -24.73 12.22 -20.13
C VAL B 85 -24.42 13.67 -20.46
N GLY B 86 -24.67 14.54 -19.50
CA GLY B 86 -24.28 15.93 -19.56
C GLY B 86 -25.48 16.86 -19.62
N ASN B 87 -25.16 18.16 -19.59
CA ASN B 87 -26.11 19.21 -19.90
C ASN B 87 -26.93 18.88 -21.14
N GLY B 88 -26.26 18.54 -22.22
CA GLY B 88 -26.79 18.57 -23.56
C GLY B 88 -26.13 19.62 -24.42
N ASP B 89 -25.38 20.55 -23.81
CA ASP B 89 -24.64 21.56 -24.55
C ASP B 89 -23.27 21.06 -24.95
N GLY B 90 -22.85 21.40 -26.17
CA GLY B 90 -21.51 21.09 -26.61
C GLY B 90 -21.46 19.98 -27.64
N PRO B 91 -20.27 19.74 -28.20
CA PRO B 91 -20.12 18.65 -29.16
C PRO B 91 -20.26 17.31 -28.47
N GLU B 92 -20.92 16.37 -29.14
CA GLU B 92 -21.06 15.05 -28.56
C GLU B 92 -19.71 14.35 -28.55
N CYS B 93 -19.39 13.72 -27.41
CA CYS B 93 -18.07 13.10 -27.27
C CYS B 93 -18.18 11.76 -26.55
N ASP B 94 -17.04 11.05 -26.55
CA ASP B 94 -16.90 9.74 -25.91
C ASP B 94 -16.67 9.91 -24.42
N PHE B 95 -17.37 9.12 -23.62
CA PHE B 95 -17.33 9.23 -22.17
C PHE B 95 -16.97 7.87 -21.58
N ALA B 96 -15.83 7.82 -20.87
CA ALA B 96 -15.38 6.60 -20.21
C ALA B 96 -15.27 6.91 -18.73
N VAL B 97 -15.82 6.04 -17.91
CA VAL B 97 -15.90 6.30 -16.48
C VAL B 97 -15.60 5.01 -15.73
N ASP B 98 -14.89 5.14 -14.61
CA ASP B 98 -14.61 3.99 -13.75
C ASP B 98 -14.75 4.44 -12.29
N PRO B 99 -15.97 4.38 -11.76
CA PRO B 99 -16.22 4.97 -10.42
C PRO B 99 -15.22 4.55 -9.37
N ILE B 100 -14.86 3.27 -9.31
CA ILE B 100 -13.73 2.76 -8.54
C ILE B 100 -13.01 1.71 -9.37
N ASP B 101 -11.71 1.91 -9.62
CA ASP B 101 -10.85 0.93 -10.29
C ASP B 101 -10.43 -0.14 -9.29
N GLY B 102 -11.35 -1.09 -9.04
CA GLY B 102 -11.12 -2.11 -8.03
C GLY B 102 -11.88 -1.83 -6.74
N ALA B 103 -13.15 -2.24 -6.69
CA ALA B 103 -14.00 -1.93 -5.54
C ALA B 103 -13.58 -2.71 -4.29
N THR B 104 -12.90 -3.84 -4.46
CA THR B 104 -12.40 -4.61 -3.32
C THR B 104 -11.38 -3.84 -2.50
N LEU B 105 -10.48 -3.10 -3.16
CA LEU B 105 -9.54 -2.26 -2.42
C LEU B 105 -10.28 -1.27 -1.53
N MET B 106 -11.34 -0.67 -2.06
CA MET B 106 -12.14 0.25 -1.26
C MET B 106 -12.74 -0.46 -0.04
N SER B 107 -13.32 -1.65 -0.25
CA SER B 107 -14.09 -2.29 0.81
C SER B 107 -13.19 -2.82 1.92
N LYS B 108 -11.95 -3.20 1.60
CA LYS B 108 -11.03 -3.75 2.60
C LYS B 108 -10.12 -2.70 3.22
N GLY B 109 -10.23 -1.43 2.83
CA GLY B 109 -9.31 -0.41 3.30
C GLY B 109 -7.89 -0.54 2.78
N MET B 110 -7.71 -1.06 1.56
CA MET B 110 -6.41 -1.22 0.93
C MET B 110 -6.02 0.03 0.13
N THR B 111 -4.75 0.08 -0.28
CA THR B 111 -4.22 1.27 -0.92
C THR B 111 -4.52 1.29 -2.42
N ASN B 112 -4.40 2.48 -3.01
CA ASN B 112 -4.38 2.69 -4.46
C ASN B 112 -5.72 2.46 -5.14
N ALA B 113 -6.82 2.75 -4.45
CA ALA B 113 -8.13 2.83 -5.08
C ALA B 113 -8.37 4.26 -5.55
N ILE B 114 -8.75 4.39 -6.82
CA ILE B 114 -8.95 5.70 -7.43
C ILE B 114 -10.28 5.70 -8.18
N SER B 115 -10.83 6.91 -8.31
CA SER B 115 -12.05 7.19 -9.07
C SER B 115 -11.63 7.90 -10.34
N VAL B 116 -12.07 7.41 -11.50
CA VAL B 116 -11.46 7.80 -12.77
C VAL B 116 -12.51 8.16 -13.82
N LEU B 117 -12.14 9.11 -14.68
CA LEU B 117 -12.98 9.56 -15.77
C LEU B 117 -12.09 10.03 -16.93
N ALA B 118 -12.49 9.69 -18.16
CA ALA B 118 -11.84 10.17 -19.38
C ALA B 118 -12.90 10.57 -20.41
N VAL B 119 -12.52 11.49 -21.31
CA VAL B 119 -13.41 12.05 -22.32
C VAL B 119 -12.59 12.30 -23.58
N ALA B 120 -13.09 11.84 -24.74
CA ALA B 120 -12.42 12.05 -26.01
C ALA B 120 -13.43 12.39 -27.09
N ASP B 121 -12.92 12.70 -28.29
CA ASP B 121 -13.79 12.98 -29.45
C ASP B 121 -14.64 11.75 -29.76
N ARG B 122 -15.91 11.97 -30.09
CA ARG B 122 -16.84 10.88 -30.34
C ARG B 122 -16.27 9.91 -31.39
N GLY B 123 -16.40 8.62 -31.10
CA GLY B 123 -15.90 7.59 -31.97
C GLY B 123 -14.40 7.33 -31.92
N THR B 124 -13.63 8.01 -31.06
CA THR B 124 -12.19 7.80 -31.05
C THR B 124 -11.70 6.83 -29.99
N MET B 125 -12.55 6.38 -29.08
CA MET B 125 -12.15 5.38 -28.09
C MET B 125 -12.33 4.00 -28.68
N PHE B 126 -11.27 3.19 -28.62
CA PHE B 126 -11.32 1.81 -29.06
C PHE B 126 -12.54 1.11 -28.46
N ASP B 127 -13.05 0.10 -29.16
CA ASP B 127 -14.28 -0.55 -28.71
C ASP B 127 -14.00 -1.43 -27.48
N PRO B 128 -14.60 -1.15 -26.33
CA PRO B 128 -14.26 -1.91 -25.13
C PRO B 128 -14.80 -3.33 -25.13
N SER B 129 -15.72 -3.69 -26.02
CA SER B 129 -16.44 -4.95 -25.95
C SER B 129 -15.92 -6.03 -26.90
N ALA B 130 -14.89 -5.74 -27.69
CA ALA B 130 -14.40 -6.71 -28.66
C ALA B 130 -13.84 -7.95 -27.96
N VAL B 131 -12.80 -7.76 -27.16
CA VAL B 131 -12.23 -8.83 -26.36
C VAL B 131 -12.19 -8.34 -24.92
N PHE B 132 -12.49 -9.26 -23.99
CA PHE B 132 -12.59 -8.89 -22.58
C PHE B 132 -11.25 -8.42 -22.04
N TYR B 133 -10.17 -9.13 -22.36
CA TYR B 133 -8.85 -8.90 -21.82
C TYR B 133 -7.89 -8.42 -22.90
N MET B 134 -6.89 -7.66 -22.49
CA MET B 134 -5.74 -7.40 -23.35
C MET B 134 -4.47 -7.48 -22.51
N ASN B 135 -3.41 -7.93 -23.18
CA ASN B 135 -2.06 -7.88 -22.64
C ASN B 135 -1.52 -6.46 -22.80
N LYS B 136 -0.77 -6.00 -21.80
CA LYS B 136 -0.39 -4.60 -21.72
C LYS B 136 1.07 -4.44 -21.31
N ILE B 137 1.67 -3.34 -21.77
CA ILE B 137 2.92 -2.88 -21.24
C ILE B 137 2.90 -1.35 -21.28
N ALA B 138 3.42 -0.71 -20.22
CA ALA B 138 3.37 0.74 -20.16
C ALA B 138 4.55 1.28 -19.38
N VAL B 139 5.03 2.44 -19.81
CA VAL B 139 6.24 3.06 -19.28
C VAL B 139 6.10 4.54 -19.58
N GLY B 140 6.91 5.35 -18.86
CA GLY B 140 6.78 6.79 -18.92
C GLY B 140 7.50 7.43 -20.10
N PRO B 141 7.46 8.76 -20.18
CA PRO B 141 7.97 9.46 -21.38
C PRO B 141 9.43 9.23 -21.69
N ASP B 142 10.28 8.99 -20.68
CA ASP B 142 11.71 8.91 -20.94
C ASP B 142 12.05 7.64 -21.72
N ALA B 143 11.30 6.57 -21.51
CA ALA B 143 11.65 5.27 -22.05
C ALA B 143 10.59 4.76 -23.02
N ALA B 144 9.58 5.55 -23.32
CA ALA B 144 8.48 5.10 -24.18
C ALA B 144 8.98 4.61 -25.53
N HIS B 145 10.07 5.19 -26.06
CA HIS B 145 10.48 4.84 -27.41
C HIS B 145 11.01 3.42 -27.52
N VAL B 146 11.35 2.75 -26.41
CA VAL B 146 11.98 1.43 -26.50
C VAL B 146 10.99 0.28 -26.39
N LEU B 147 9.71 0.57 -26.19
CA LEU B 147 8.73 -0.50 -25.91
C LEU B 147 8.54 -1.39 -27.13
N ASP B 148 8.41 -2.70 -26.87
CA ASP B 148 8.06 -3.68 -27.90
C ASP B 148 7.36 -4.85 -27.18
N ILE B 149 6.02 -4.81 -27.17
CA ILE B 149 5.25 -5.85 -26.49
C ILE B 149 5.37 -7.22 -27.14
N THR B 150 5.96 -7.33 -28.34
CA THR B 150 6.20 -8.64 -28.95
C THR B 150 7.53 -9.25 -28.53
N ALA B 151 8.42 -8.46 -27.96
CA ALA B 151 9.67 -8.95 -27.39
C ALA B 151 9.41 -9.62 -26.04
N PRO B 152 10.34 -10.46 -25.56
CA PRO B 152 10.19 -11.03 -24.22
C PRO B 152 10.29 -9.92 -23.16
N ILE B 153 9.64 -10.15 -22.02
CA ILE B 153 9.59 -9.10 -21.00
C ILE B 153 10.98 -8.74 -20.53
N SER B 154 11.90 -9.71 -20.55
CA SER B 154 13.27 -9.44 -20.13
C SER B 154 13.92 -8.37 -21.01
N GLU B 155 13.67 -8.41 -22.32
CA GLU B 155 14.32 -7.43 -23.20
C GLU B 155 13.69 -6.04 -23.04
N ASN B 156 12.40 -5.99 -22.76
CA ASN B 156 11.79 -4.70 -22.42
C ASN B 156 12.38 -4.13 -21.14
N ILE B 157 12.65 -4.99 -20.15
CA ILE B 157 13.18 -4.52 -18.86
C ILE B 157 14.58 -3.94 -19.03
N ARG B 158 15.47 -4.67 -19.70
CA ARG B 158 16.83 -4.18 -19.88
C ARG B 158 16.88 -2.90 -20.71
N ALA B 159 16.05 -2.79 -21.75
CA ALA B 159 16.10 -1.57 -22.57
C ALA B 159 15.55 -0.38 -21.81
N VAL B 160 14.45 -0.58 -21.07
CA VAL B 160 13.88 0.47 -20.22
C VAL B 160 14.88 0.88 -19.13
N ALA B 161 15.52 -0.11 -18.49
CA ALA B 161 16.50 0.20 -17.44
C ALA B 161 17.66 1.03 -17.99
N LYS B 162 18.17 0.65 -19.17
CA LYS B 162 19.33 1.35 -19.70
C LYS B 162 18.97 2.80 -20.00
N VAL B 163 17.78 3.01 -20.54
CA VAL B 163 17.33 4.37 -20.85
C VAL B 163 17.23 5.20 -19.57
N LYS B 164 16.73 4.59 -18.49
CA LYS B 164 16.57 5.30 -17.23
C LYS B 164 17.86 5.42 -16.44
N ASP B 165 18.96 4.84 -16.94
CA ASP B 165 20.24 4.84 -16.25
C ASP B 165 20.19 4.04 -14.95
N LEU B 166 19.33 3.03 -14.90
CA LEU B 166 19.21 2.13 -13.76
C LEU B 166 19.83 0.78 -14.07
N SER B 167 20.29 0.11 -13.03
CA SER B 167 20.55 -1.30 -13.26
C SER B 167 19.23 -2.07 -13.20
N VAL B 168 19.22 -3.28 -13.78
CA VAL B 168 18.00 -4.08 -13.84
C VAL B 168 17.48 -4.40 -12.45
N ARG B 169 18.38 -4.58 -11.48
CA ARG B 169 17.95 -4.89 -10.12
C ARG B 169 17.29 -3.70 -9.45
N ASP B 170 17.48 -2.48 -9.98
CA ASP B 170 16.80 -1.27 -9.52
C ASP B 170 15.37 -1.13 -10.04
N MET B 171 15.01 -1.88 -11.08
CA MET B 171 13.71 -1.74 -11.71
C MET B 171 12.60 -2.33 -10.84
N THR B 172 11.41 -1.75 -10.93
CA THR B 172 10.23 -2.26 -10.24
C THR B 172 9.10 -2.38 -11.25
N VAL B 173 8.55 -3.59 -11.39
CA VAL B 173 7.50 -3.88 -12.36
C VAL B 173 6.18 -4.16 -11.65
N CYS B 174 5.14 -3.41 -12.02
CA CYS B 174 3.79 -3.63 -11.50
C CYS B 174 3.06 -4.68 -12.32
N ILE B 175 2.52 -5.70 -11.64
CA ILE B 175 1.88 -6.85 -12.27
C ILE B 175 0.69 -7.28 -11.43
N LEU B 176 -0.46 -7.50 -12.07
CA LEU B 176 -1.61 -7.99 -11.32
C LEU B 176 -1.32 -9.40 -10.80
N ASP B 177 -1.57 -9.63 -9.51
CA ASP B 177 -1.39 -10.95 -8.90
C ASP B 177 -2.50 -11.88 -9.38
N ARG B 178 -2.19 -12.73 -10.37
CA ARG B 178 -3.16 -13.61 -11.01
C ARG B 178 -2.47 -14.92 -11.41
N PRO B 179 -3.16 -16.06 -11.27
CA PRO B 179 -2.61 -17.32 -11.80
C PRO B 179 -2.17 -17.22 -13.25
N ARG B 180 -2.91 -16.45 -14.07
CA ARG B 180 -2.51 -16.29 -15.47
C ARG B 180 -1.13 -15.65 -15.62
N HIS B 181 -0.63 -14.96 -14.59
CA HIS B 181 0.67 -14.28 -14.69
C HIS B 181 1.80 -15.07 -14.07
N ALA B 182 1.60 -16.37 -13.81
CA ALA B 182 2.67 -17.18 -13.23
C ALA B 182 3.91 -17.17 -14.11
N GLN B 183 3.75 -17.34 -15.42
CA GLN B 183 4.92 -17.35 -16.31
C GLN B 183 5.58 -15.98 -16.36
N LEU B 184 4.78 -14.92 -16.57
CA LEU B 184 5.31 -13.56 -16.59
C LEU B 184 6.06 -13.23 -15.29
N ILE B 185 5.46 -13.57 -14.16
CA ILE B 185 6.10 -13.30 -12.88
C ILE B 185 7.41 -14.05 -12.77
N HIS B 186 7.40 -15.32 -13.19
CA HIS B 186 8.66 -16.08 -13.23
C HIS B 186 9.68 -15.42 -14.14
N ASP B 187 9.24 -14.95 -15.32
CA ASP B 187 10.19 -14.37 -16.27
C ASP B 187 10.75 -13.04 -15.79
N VAL B 188 9.90 -12.19 -15.18
CA VAL B 188 10.42 -10.95 -14.61
C VAL B 188 11.40 -11.26 -13.48
N ARG B 189 11.05 -12.20 -12.60
CA ARG B 189 11.97 -12.54 -11.50
C ARG B 189 13.30 -13.06 -12.02
N ALA B 190 13.28 -13.87 -13.09
CA ALA B 190 14.53 -14.43 -13.61
C ALA B 190 15.50 -13.33 -14.08
N THR B 191 14.98 -12.20 -14.56
CA THR B 191 15.85 -11.14 -15.05
C THR B 191 16.53 -10.38 -13.91
N GLY B 192 16.00 -10.44 -12.68
CA GLY B 192 16.57 -9.74 -11.54
C GLY B 192 15.81 -8.52 -11.04
N ALA B 193 14.76 -8.08 -11.74
CA ALA B 193 13.99 -6.91 -11.36
C ALA B 193 13.03 -7.21 -10.20
N ARG B 194 12.71 -6.18 -9.43
CA ARG B 194 11.71 -6.28 -8.37
C ARG B 194 10.30 -6.25 -8.97
N ILE B 195 9.34 -6.71 -8.19
CA ILE B 195 7.95 -6.72 -8.60
C ILE B 195 7.09 -6.08 -7.52
N ARG B 196 6.11 -5.29 -7.97
CA ARG B 196 5.02 -4.80 -7.12
C ARG B 196 3.75 -5.50 -7.59
N LEU B 197 3.32 -6.53 -6.85
CA LEU B 197 2.10 -7.25 -7.16
C LEU B 197 0.91 -6.49 -6.61
N ILE B 198 -0.09 -6.26 -7.45
CA ILE B 198 -1.32 -5.60 -7.04
C ILE B 198 -2.46 -6.60 -7.19
N THR B 199 -3.38 -6.60 -6.22
CA THR B 199 -4.53 -7.47 -6.30
C THR B 199 -5.59 -6.93 -7.25
N ASP B 200 -5.64 -5.61 -7.43
CA ASP B 200 -6.57 -4.96 -8.35
C ASP B 200 -6.00 -3.59 -8.75
N GLY B 201 -6.45 -3.09 -9.89
CA GLY B 201 -6.28 -1.68 -10.20
C GLY B 201 -5.20 -1.30 -11.18
N ASP B 202 -5.23 -1.83 -12.39
CA ASP B 202 -4.16 -1.57 -13.34
C ASP B 202 -4.40 -0.30 -14.16
N VAL B 203 -5.46 0.45 -13.92
CA VAL B 203 -5.43 1.87 -14.31
C VAL B 203 -4.43 2.61 -13.42
N ALA B 204 -4.59 2.49 -12.10
CA ALA B 204 -3.66 3.11 -11.17
C ALA B 204 -2.25 2.60 -11.42
N GLY B 205 -2.09 1.29 -11.60
CA GLY B 205 -0.78 0.73 -11.90
C GLY B 205 -0.17 1.33 -13.15
N ALA B 206 -0.99 1.55 -14.19
CA ALA B 206 -0.44 2.06 -15.45
C ALA B 206 -0.03 3.52 -15.33
N ILE B 207 -0.86 4.33 -14.68
CA ILE B 207 -0.52 5.74 -14.50
C ILE B 207 0.71 5.88 -13.63
N SER B 208 0.84 5.03 -12.62
CA SER B 208 1.99 5.06 -11.73
C SER B 208 3.27 4.69 -12.49
N ALA B 209 3.18 3.71 -13.40
CA ALA B 209 4.35 3.36 -14.22
C ALA B 209 4.83 4.56 -15.04
N CYS B 210 3.93 5.45 -15.44
CA CYS B 210 4.31 6.56 -16.30
C CYS B 210 4.66 7.84 -15.55
N ARG B 211 4.31 7.95 -14.23
CA ARG B 211 4.66 9.13 -13.44
C ARG B 211 6.05 8.99 -12.85
N PRO B 212 6.80 10.08 -12.75
CA PRO B 212 8.16 10.00 -12.23
C PRO B 212 8.16 9.90 -10.71
N HIS B 213 9.16 9.19 -10.19
CA HIS B 213 9.37 9.07 -8.75
C HIS B 213 8.14 8.48 -8.05
N SER B 214 7.45 7.57 -8.73
CA SER B 214 6.33 6.85 -8.14
C SER B 214 6.75 5.55 -7.46
N GLY B 215 7.98 5.10 -7.72
CA GLY B 215 8.41 3.80 -7.26
C GLY B 215 8.09 2.65 -8.21
N THR B 216 7.29 2.89 -9.26
CA THR B 216 6.99 1.89 -10.29
C THR B 216 7.57 2.33 -11.63
N ASP B 217 8.32 1.45 -12.29
CA ASP B 217 8.98 1.82 -13.54
C ASP B 217 8.32 1.22 -14.76
N LEU B 218 7.43 0.25 -14.60
CA LEU B 218 6.89 -0.49 -15.73
C LEU B 218 5.66 -1.23 -15.26
N LEU B 219 4.63 -1.23 -16.11
CA LEU B 219 3.47 -2.10 -15.94
C LEU B 219 3.49 -3.17 -17.02
N ALA B 220 3.19 -4.41 -16.62
CA ALA B 220 3.14 -5.53 -17.57
C ALA B 220 2.03 -6.50 -17.19
N GLY B 221 1.40 -7.06 -18.22
CA GLY B 221 0.52 -8.20 -18.07
C GLY B 221 -0.87 -7.93 -18.58
N ILE B 222 -1.73 -8.92 -18.37
CA ILE B 222 -3.08 -8.91 -18.92
C ILE B 222 -4.05 -8.34 -17.89
N GLY B 223 -4.87 -7.40 -18.34
CA GLY B 223 -5.94 -6.86 -17.53
C GLY B 223 -7.12 -6.47 -18.39
N GLY B 224 -8.09 -5.79 -17.81
CA GLY B 224 -9.28 -5.46 -18.53
C GLY B 224 -9.03 -4.54 -19.70
N THR B 225 -9.61 -4.88 -20.85
CA THR B 225 -9.58 -4.01 -22.01
C THR B 225 -10.11 -2.60 -21.73
N PRO B 226 -11.23 -2.42 -21.04
CA PRO B 226 -11.67 -1.03 -20.75
C PRO B 226 -10.69 -0.25 -19.90
N GLU B 227 -10.04 -0.91 -18.93
CA GLU B 227 -9.00 -0.27 -18.14
C GLU B 227 -7.80 0.11 -19.01
N GLY B 228 -7.48 -0.70 -20.04
CA GLY B 228 -6.41 -0.33 -20.95
C GLY B 228 -6.71 0.92 -21.74
N ILE B 229 -7.96 1.11 -22.15
CA ILE B 229 -8.33 2.31 -22.90
C ILE B 229 -8.35 3.53 -21.96
N ILE B 230 -8.83 3.38 -20.72
CA ILE B 230 -8.81 4.50 -19.80
C ILE B 230 -7.37 4.94 -19.52
N ALA B 231 -6.45 3.98 -19.38
CA ALA B 231 -5.06 4.33 -19.16
C ALA B 231 -4.49 5.03 -20.36
N ALA B 232 -4.84 4.58 -21.56
CA ALA B 232 -4.31 5.23 -22.76
C ALA B 232 -4.75 6.68 -22.84
N ALA B 233 -5.99 6.97 -22.43
CA ALA B 233 -6.47 8.35 -22.36
C ALA B 233 -5.54 9.20 -21.50
N ALA B 234 -5.18 8.69 -20.32
CA ALA B 234 -4.24 9.41 -19.45
C ALA B 234 -2.91 9.59 -20.15
N ILE B 235 -2.41 8.53 -20.78
CA ILE B 235 -1.09 8.59 -21.41
C ILE B 235 -1.09 9.58 -22.58
N ARG B 236 -2.20 9.67 -23.31
CA ARG B 236 -2.33 10.73 -24.33
C ARG B 236 -2.05 12.12 -23.76
N CYS B 237 -2.39 12.36 -22.50
CA CYS B 237 -2.22 13.71 -21.98
C CYS B 237 -0.86 13.93 -21.30
N MET B 238 -0.43 12.98 -20.49
CA MET B 238 0.77 13.19 -19.70
C MET B 238 2.05 12.70 -20.37
N GLY B 239 1.96 11.86 -21.39
CA GLY B 239 3.18 11.32 -21.98
C GLY B 239 3.47 9.92 -21.48
N GLY B 240 4.35 9.23 -22.20
CA GLY B 240 4.59 7.81 -22.02
C GLY B 240 4.00 7.01 -23.17
N ALA B 241 3.98 5.69 -22.99
CA ALA B 241 3.34 4.83 -23.97
C ALA B 241 2.72 3.64 -23.27
N ILE B 242 1.57 3.20 -23.77
CA ILE B 242 1.08 1.86 -23.51
C ILE B 242 0.96 1.14 -24.85
N GLN B 243 1.37 -0.13 -24.87
CA GLN B 243 1.11 -1.03 -25.99
C GLN B 243 0.25 -2.18 -25.52
N ALA B 244 -0.57 -2.70 -26.43
CA ALA B 244 -1.51 -3.75 -26.07
C ALA B 244 -1.76 -4.68 -27.24
N GLN B 245 -2.20 -5.89 -26.91
CA GLN B 245 -2.67 -6.87 -27.87
C GLN B 245 -3.88 -7.54 -27.25
N LEU B 246 -4.92 -7.74 -28.05
CA LEU B 246 -6.11 -8.41 -27.54
C LEU B 246 -5.79 -9.82 -27.06
N ALA B 247 -6.49 -10.26 -26.02
CA ALA B 247 -6.17 -11.49 -25.30
C ALA B 247 -7.44 -12.34 -25.22
N PRO B 248 -7.82 -12.99 -26.32
CA PRO B 248 -8.99 -13.87 -26.27
C PRO B 248 -8.83 -14.93 -25.18
N ARG B 249 -9.90 -15.10 -24.40
CA ARG B 249 -9.92 -16.15 -23.39
C ARG B 249 -9.95 -17.53 -24.02
N ASP B 250 -10.91 -17.77 -24.92
CA ASP B 250 -11.16 -19.07 -25.54
C ASP B 250 -11.18 -18.92 -27.06
N ASP B 251 -11.31 -20.05 -27.76
CA ASP B 251 -11.38 -19.97 -29.22
C ASP B 251 -12.65 -19.28 -29.70
N ALA B 252 -13.72 -19.34 -28.90
CA ALA B 252 -14.96 -18.64 -29.26
C ALA B 252 -14.74 -17.14 -29.37
N GLU B 253 -14.24 -16.54 -28.28
CA GLU B 253 -13.90 -15.12 -28.32
C GLU B 253 -12.81 -14.84 -29.35
N ARG B 254 -11.89 -15.80 -29.55
CA ARG B 254 -10.89 -15.66 -30.58
C ARG B 254 -11.51 -15.58 -31.97
N ARG B 255 -12.54 -16.39 -32.22
CA ARG B 255 -13.21 -16.34 -33.53
C ARG B 255 -14.10 -15.11 -33.62
N LYS B 256 -14.84 -14.80 -32.56
CA LYS B 256 -15.65 -13.59 -32.55
C LYS B 256 -14.81 -12.37 -32.91
N ALA B 257 -13.57 -12.32 -32.39
CA ALA B 257 -12.70 -11.19 -32.67
C ALA B 257 -12.24 -11.19 -34.12
N LEU B 258 -11.97 -12.37 -34.67
CA LEU B 258 -11.47 -12.44 -36.04
C LEU B 258 -12.54 -12.03 -37.05
N GLU B 259 -13.80 -12.44 -36.82
CA GLU B 259 -14.89 -12.06 -37.70
C GLU B 259 -15.50 -10.71 -37.33
N ALA B 260 -14.96 -10.03 -36.32
CA ALA B 260 -15.24 -8.60 -36.17
C ALA B 260 -14.24 -7.73 -36.95
N GLY B 261 -13.11 -8.29 -37.37
CA GLY B 261 -12.22 -7.58 -38.27
C GLY B 261 -10.82 -7.35 -37.74
N TYR B 262 -10.51 -7.92 -36.58
CA TYR B 262 -9.28 -7.57 -35.88
C TYR B 262 -8.16 -8.52 -36.29
N ASP B 263 -7.01 -7.95 -36.63
CA ASP B 263 -5.76 -8.69 -36.72
C ASP B 263 -5.22 -8.90 -35.30
N LEU B 264 -5.08 -10.15 -34.90
CA LEU B 264 -4.58 -10.44 -33.56
C LEU B 264 -3.06 -10.43 -33.48
N ASN B 265 -2.38 -10.29 -34.63
CA ASN B 265 -0.96 -9.95 -34.63
C ASN B 265 -0.72 -8.46 -34.44
N GLN B 266 -1.79 -7.68 -34.28
CA GLN B 266 -1.67 -6.22 -34.29
C GLN B 266 -1.31 -5.69 -32.91
N VAL B 267 -0.25 -4.88 -32.88
CA VAL B 267 0.16 -4.13 -31.70
C VAL B 267 -0.62 -2.82 -31.68
N LEU B 268 -1.48 -2.64 -30.68
CA LEU B 268 -2.16 -1.38 -30.45
C LEU B 268 -1.24 -0.42 -29.66
N THR B 269 -0.97 0.76 -30.23
CA THR B 269 -0.27 1.84 -29.54
C THR B 269 -1.28 2.69 -28.76
N THR B 270 -0.77 3.66 -28.00
CA THR B 270 -1.64 4.55 -27.25
C THR B 270 -2.72 5.15 -28.15
N GLU B 271 -2.33 5.69 -29.31
CA GLU B 271 -3.28 6.36 -30.21
C GLU B 271 -4.28 5.40 -30.85
N ASP B 272 -3.98 4.10 -30.91
CA ASP B 272 -5.03 3.18 -31.38
C ASP B 272 -6.11 2.98 -30.33
N LEU B 273 -5.77 3.10 -29.04
CA LEU B 273 -6.78 2.92 -28.01
C LEU B 273 -7.63 4.18 -27.84
N VAL B 274 -7.01 5.36 -27.93
CA VAL B 274 -7.71 6.63 -27.87
C VAL B 274 -7.06 7.54 -28.91
N SER B 275 -7.79 7.84 -30.00
CA SER B 275 -7.20 8.52 -31.14
C SER B 275 -7.63 9.97 -31.31
N GLY B 276 -8.49 10.50 -30.44
CA GLY B 276 -8.93 11.87 -30.60
C GLY B 276 -7.79 12.87 -30.47
N GLU B 277 -8.04 14.08 -30.98
CA GLU B 277 -7.13 15.18 -30.73
C GLU B 277 -7.43 15.90 -29.42
N ASN B 278 -8.63 15.71 -28.87
CA ASN B 278 -9.09 16.39 -27.66
C ASN B 278 -9.39 15.33 -26.62
N VAL B 279 -8.40 14.96 -25.83
CA VAL B 279 -8.57 13.98 -24.78
C VAL B 279 -8.51 14.72 -23.44
N PHE B 280 -9.36 14.29 -22.52
CA PHE B 280 -9.36 14.79 -21.16
C PHE B 280 -9.32 13.58 -20.23
N PHE B 281 -8.59 13.70 -19.12
CA PHE B 281 -8.50 12.64 -18.13
C PHE B 281 -8.40 13.26 -16.75
N CYS B 282 -9.10 12.66 -15.78
CA CYS B 282 -8.90 13.07 -14.41
C CYS B 282 -9.22 11.90 -13.46
N ALA B 283 -8.63 11.97 -12.27
CA ALA B 283 -8.84 10.94 -11.26
C ALA B 283 -8.77 11.59 -9.87
N THR B 284 -9.42 10.96 -8.90
CA THR B 284 -9.45 11.39 -7.51
C THR B 284 -9.21 10.18 -6.64
N GLY B 285 -8.40 10.35 -5.59
CA GLY B 285 -8.06 9.21 -4.75
C GLY B 285 -9.21 8.83 -3.81
N VAL B 286 -9.41 7.53 -3.66
CA VAL B 286 -10.42 6.96 -2.78
C VAL B 286 -9.73 6.53 -1.49
N THR B 287 -8.74 5.65 -1.60
CA THR B 287 -7.79 5.39 -0.52
C THR B 287 -6.42 5.95 -0.91
N ASP B 288 -5.55 6.11 0.08
CA ASP B 288 -4.18 6.56 -0.17
C ASP B 288 -3.49 5.64 -1.18
N GLY B 289 -2.84 6.23 -2.19
CA GLY B 289 -2.08 5.49 -3.17
C GLY B 289 -0.73 6.12 -3.44
N ASP B 290 -0.03 5.55 -4.42
CA ASP B 290 1.30 6.07 -4.72
C ASP B 290 1.25 7.33 -5.58
N LEU B 291 0.06 7.79 -5.94
CA LEU B 291 -0.09 9.03 -6.69
CA LEU B 291 -0.16 8.99 -6.74
C LEU B 291 -0.99 10.04 -6.02
N LEU B 292 -2.10 9.61 -5.41
CA LEU B 292 -3.07 10.51 -4.81
C LEU B 292 -3.37 10.06 -3.38
N LYS B 293 -3.45 11.03 -2.47
CA LYS B 293 -3.96 10.71 -1.15
C LYS B 293 -5.45 10.41 -1.24
N GLY B 294 -5.91 9.52 -0.38
CA GLY B 294 -7.34 9.24 -0.27
C GLY B 294 -8.09 10.42 0.33
N VAL B 295 -9.43 10.32 0.26
CA VAL B 295 -10.27 11.36 0.82
C VAL B 295 -10.20 11.28 2.35
N ARG B 296 -10.08 12.44 2.98
CA ARG B 296 -10.03 12.58 4.43
C ARG B 296 -11.24 13.39 4.89
N TYR B 297 -11.95 12.89 5.89
CA TYR B 297 -13.13 13.55 6.44
C TYR B 297 -12.80 14.25 7.75
N TYR B 298 -13.37 15.43 7.91
CA TYR B 298 -13.17 16.30 9.07
C TYR B 298 -14.54 16.75 9.54
N PRO B 299 -14.62 17.37 10.72
CA PRO B 299 -15.92 17.91 11.15
C PRO B 299 -16.43 19.00 10.20
N GLY B 300 -15.57 19.97 9.88
CA GLY B 300 -15.98 21.04 8.97
C GLY B 300 -16.24 20.57 7.54
N GLY B 301 -15.58 19.51 7.10
CA GLY B 301 -15.74 19.05 5.73
C GLY B 301 -14.84 17.89 5.35
N CYS B 302 -14.22 17.97 4.17
CA CYS B 302 -13.32 16.89 3.76
C CYS B 302 -12.42 17.38 2.63
N THR B 303 -11.29 16.69 2.47
CA THR B 303 -10.29 17.02 1.46
C THR B 303 -10.13 15.86 0.49
N THR B 304 -10.19 16.16 -0.79
CA THR B 304 -9.91 15.23 -1.87
C THR B 304 -8.63 15.65 -2.59
N HIS B 305 -8.00 14.67 -3.25
CA HIS B 305 -6.74 14.86 -3.96
CA HIS B 305 -6.75 14.88 -3.96
C HIS B 305 -6.92 14.31 -5.36
N SER B 306 -6.74 15.17 -6.37
CA SER B 306 -7.05 14.80 -7.74
C SER B 306 -5.92 15.15 -8.70
N ILE B 307 -5.97 14.50 -9.86
CA ILE B 307 -5.13 14.85 -11.01
C ILE B 307 -6.02 15.06 -12.24
N VAL B 308 -5.67 16.07 -13.06
CA VAL B 308 -6.45 16.52 -14.20
C VAL B 308 -5.48 16.86 -15.33
N MET B 309 -5.78 16.42 -16.56
CA MET B 309 -4.84 16.59 -17.66
C MET B 309 -5.57 16.62 -19.00
N ARG B 310 -4.99 17.34 -19.97
CA ARG B 310 -5.58 17.53 -21.31
C ARG B 310 -4.53 17.28 -22.38
N SER B 311 -4.92 16.60 -23.47
CA SER B 311 -3.93 16.25 -24.51
C SER B 311 -3.52 17.46 -25.34
N LYS B 312 -4.42 18.41 -25.57
CA LYS B 312 -4.09 19.46 -26.52
C LYS B 312 -3.04 20.40 -25.95
N SER B 313 -3.13 20.73 -24.66
CA SER B 313 -2.08 21.52 -24.01
C SER B 313 -1.00 20.66 -23.39
N GLY B 314 -1.31 19.42 -23.01
CA GLY B 314 -0.35 18.68 -22.21
C GLY B 314 -0.18 19.22 -20.80
N THR B 315 -1.08 20.06 -20.33
CA THR B 315 -1.02 20.56 -18.96
C THR B 315 -1.50 19.49 -17.99
N VAL B 316 -0.73 19.27 -16.92
CA VAL B 316 -1.12 18.35 -15.85
C VAL B 316 -1.34 19.16 -14.59
N ARG B 317 -2.48 18.95 -13.93
CA ARG B 317 -2.82 19.66 -12.70
C ARG B 317 -3.00 18.69 -11.55
N MET B 318 -2.34 18.97 -10.42
CA MET B 318 -2.69 18.36 -9.13
C MET B 318 -3.59 19.32 -8.37
N ILE B 319 -4.72 18.83 -7.90
CA ILE B 319 -5.75 19.68 -7.30
C ILE B 319 -6.10 19.09 -5.95
N GLU B 320 -5.79 19.81 -4.89
CA GLU B 320 -6.20 19.47 -3.54
C GLU B 320 -7.37 20.40 -3.18
N ALA B 321 -8.52 19.80 -2.88
CA ALA B 321 -9.74 20.56 -2.64
C ALA B 321 -10.19 20.39 -1.18
N TYR B 322 -10.53 21.50 -0.54
CA TYR B 322 -11.05 21.48 0.83
C TYR B 322 -12.52 21.88 0.73
N HIS B 323 -13.40 20.89 0.87
CA HIS B 323 -14.84 21.07 0.72
C HIS B 323 -15.46 21.42 2.07
N ARG B 324 -16.27 22.47 2.12
CA ARG B 324 -16.99 22.86 3.33
C ARG B 324 -18.46 22.52 3.14
N LEU B 325 -18.88 21.36 3.66
CA LEU B 325 -20.29 21.00 3.55
C LEU B 325 -21.13 21.83 4.53
N SER B 326 -20.66 22.00 5.77
CA SER B 326 -21.39 22.76 6.78
C SER B 326 -20.41 23.68 7.52
N LYS B 327 -20.91 24.29 8.60
CA LYS B 327 -20.22 25.38 9.32
C LYS B 327 -20.67 25.32 10.78
N LEU B 328 -19.97 24.52 11.58
CA LEU B 328 -20.43 24.06 12.90
C LEU B 328 -20.32 25.15 13.97
N ASN B 329 -20.68 24.78 15.21
CA ASN B 329 -20.76 25.71 16.35
C ASN B 329 -19.39 26.21 16.81
O1 F6P C . 5.25 -12.67 10.66
C1 F6P C . 4.55 -11.51 10.30
C2 F6P C . 3.24 -11.39 11.08
O2 F6P C . 2.17 -10.88 10.23
C3 F6P C . 3.34 -10.50 12.32
O3 F6P C . 3.20 -9.12 12.02
C4 F6P C . 2.22 -11.04 13.21
O4 F6P C . 2.52 -10.85 14.57
C5 F6P C . 2.18 -12.52 12.83
O5 F6P C . 2.85 -12.65 11.59
C6 F6P C . 0.76 -13.04 12.73
O6 F6P C . 0.72 -14.43 12.96
P F6P C . 0.25 -15.50 11.83
O1P F6P C . -1.26 -15.48 11.81
O2P F6P C . 0.72 -16.88 12.20
O3P F6P C . 0.80 -15.14 10.47
MG MG D . 7.29 -9.99 12.10
C1 GOL E . 21.32 1.55 28.55
O1 GOL E . 20.53 1.68 27.37
C2 GOL E . 21.69 2.99 29.08
O2 GOL E . 22.64 2.93 30.12
C3 GOL E . 22.22 3.79 27.86
O3 GOL E . 21.47 4.97 27.78
C1 GOL F . -10.26 -8.02 20.91
O1 GOL F . -8.85 -8.04 20.76
C2 GOL F . -10.58 -7.96 22.43
O2 GOL F . -11.18 -6.74 22.80
C3 GOL F . -11.47 -9.19 22.70
O3 GOL F . -11.20 -10.12 21.68
C1 GOL G . 17.05 15.48 21.59
O1 GOL G . 15.83 16.19 21.43
C2 GOL G . 16.79 14.05 21.01
O2 GOL G . 17.87 13.52 20.31
C3 GOL G . 16.45 13.19 22.19
O3 GOL G . 16.10 11.93 21.65
MG MG H . -3.37 6.61 14.97
C1 GOL I . 1.12 3.01 0.51
O1 GOL I . 0.61 3.54 1.72
C2 GOL I . 0.73 4.06 -0.54
O2 GOL I . 1.09 5.33 -0.12
C3 GOL I . 1.42 3.63 -1.87
O3 GOL I . 0.87 2.40 -2.31
C1 GOL J . -2.76 -4.32 -0.13
O1 GOL J . -2.92 -3.07 0.57
C2 GOL J . -1.87 -4.15 -1.46
O2 GOL J . -0.53 -4.37 -1.17
C3 GOL J . -2.41 -5.21 -2.54
O3 GOL J . -3.04 -4.57 -3.70
C1 MLI K . 11.93 11.09 -3.41
C2 MLI K . 12.28 10.04 -2.35
C3 MLI K . 10.49 10.94 -3.94
O6 MLI K . 12.07 10.30 -1.14
O7 MLI K . 12.78 8.92 -2.66
O8 MLI K . 9.51 11.44 -3.32
O9 MLI K . 10.28 10.34 -5.02
C1 GOL L . 22.29 13.40 -4.86
O1 GOL L . 21.32 12.95 -5.76
C2 GOL L . 21.57 14.25 -3.77
O2 GOL L . 20.30 13.76 -3.44
C3 GOL L . 22.54 14.22 -2.55
O3 GOL L . 23.84 14.47 -3.04
C1 GOL M . 5.96 -0.37 -2.55
O1 GOL M . 5.00 -1.36 -2.91
C2 GOL M . 7.19 -0.47 -3.51
O2 GOL M . 7.07 0.36 -4.65
C3 GOL M . 8.41 -0.07 -2.59
O3 GOL M . 8.94 1.20 -3.00
O1 F6P N . -11.95 -4.25 -12.02
C1 F6P N . -10.74 -4.15 -11.31
C2 F6P N . -9.54 -4.72 -12.06
O2 F6P N . -8.50 -4.97 -11.10
C3 F6P N . -8.92 -3.83 -13.14
O3 F6P N . -8.05 -2.83 -12.64
C4 F6P N . -8.16 -4.87 -13.95
O4 F6P N . -7.84 -4.48 -15.27
C5 F6P N . -9.13 -6.07 -13.91
O5 F6P N . -9.85 -5.95 -12.71
C6 F6P N . -8.39 -7.40 -13.98
O6 F6P N . -9.30 -8.42 -14.34
P F6P N . -9.49 -9.75 -13.46
O1P F6P N . -10.61 -10.52 -14.12
O2P F6P N . -9.87 -9.39 -12.03
O3P F6P N . -8.23 -10.58 -13.52
C1 GOL O . 5.60 -8.30 -23.31
O1 GOL O . 6.96 -8.54 -23.01
C2 GOL O . 4.65 -9.25 -22.45
O2 GOL O . 5.17 -10.51 -22.24
C3 GOL O . 4.39 -8.51 -21.12
O3 GOL O . 2.98 -8.45 -20.94
MG MG P . -11.54 -0.89 -13.06
C1 GOL Q . -4.61 24.18 -20.55
O1 GOL Q . -5.18 22.96 -20.24
C2 GOL Q . -4.78 24.97 -19.30
O2 GOL Q . -4.87 24.11 -18.17
C3 GOL Q . -3.57 25.98 -19.30
O3 GOL Q . -2.38 25.25 -19.45
C1 GOL R . -31.58 6.20 -22.67
O1 GOL R . -32.49 6.84 -23.53
C2 GOL R . -30.16 6.30 -23.31
O2 GOL R . -30.19 6.03 -24.67
C3 GOL R . -29.69 7.74 -23.02
O3 GOL R . -29.80 7.95 -21.64
C1 GOL S . -17.14 -3.38 -20.05
O1 GOL S . -17.04 -2.53 -18.94
C2 GOL S . -17.93 -2.60 -21.14
O2 GOL S . -19.31 -2.85 -21.05
C3 GOL S . -17.57 -1.10 -20.92
O3 GOL S . -18.60 -0.51 -20.17
#